data_4CCC
#
_entry.id   4CCC
#
_cell.length_a   250.012
_cell.length_b   250.012
_cell.length_c   77.790
_cell.angle_alpha   90.00
_cell.angle_beta   90.00
_cell.angle_gamma   120.00
#
_symmetry.space_group_name_H-M   'H 3 2'
#
loop_
_entity.id
_entity.type
_entity.pdbx_description
1 polymer GALACTOCEREBROSIDASE
2 branched 2-acetamido-2-deoxy-beta-D-glucopyranose-(1-4)-2-acetamido-2-deoxy-beta-D-glucopyranose
3 non-polymer '4-nitrophenyl beta-D-galactopyranoside'
4 non-polymer 2-acetamido-2-deoxy-beta-D-glucopyranose
5 non-polymer 'CALCIUM ION'
6 water water
#
_entity_poly.entity_id   1
_entity_poly.type   'polypeptide(L)'
_entity_poly.pdbx_seq_one_letter_code
;HHHHHHIEGRGAYVLDDSDGLGREFDGIGAVSGGGATSRLLVNYPEPYRSEILDYLFKPNFGASLHILKVEIGGDGQTTD
GTEPSHMHYELDENYFRGYEWWLMKEAKKRNPDIILMGLPWSFPGWLGKGFSWPYVNLQLTAYYVVRWILGAKHYHDLDI
DYIGIWNERPFDANYIKELRKMLDYQGLQRVRIIASDNLWEPISSSLLLDQELWKVVDVIGAHYPGTYTVWNAKMSGKKL
WSSEDFSTINSNVGAGCWSRILNQNYINGNMTSTIAWNLVASYYEELPYGRSGLMTAQEPWSGHYVVASPIWVSAHTTQF
TQPGWYYLKTVGHLEKGGSYVALTDGLGNLTIIIETMSHQHSMCIRPYLPYYNVSHQLATFTLKGSLREIQELQVWYTKL
GTPQQRLHFKQLDTLWLLDGSGSFTLELEEDEIFTLTTLTTGRKGSYPPPPSSKPFPTNYKDDFNVEYPLFSEAPNFADQ
TGVFEYYMNNEDREHRFTLRQVLNQRPITWAADASSTISVIGDHHWTNMTVQCDVYIETPRSGGVFIAGRVNKGGILIRS
ATGVFFWIFANGSYRVTADLGGWITYASGHADVTAKRWYTLTLGIKGYFAFGMLNGTILWKNVRVKYPGHGWAAIGTHTF
EFAQFDNFRVEAAR
;
_entity_poly.pdbx_strand_id   A
#
loop_
_chem_comp.id
_chem_comp.type
_chem_comp.name
_chem_comp.formula
147 D-saccharide '4-nitrophenyl beta-D-galactopyranoside' 'C12 H15 N O8'
CA non-polymer 'CALCIUM ION' 'Ca 2'
NAG D-saccharide, beta linking 2-acetamido-2-deoxy-beta-D-glucopyranose 'C8 H15 N O6'
#
# COMPACT_ATOMS: atom_id res chain seq x y z
N GLY A 11 40.36 -1.68 1.14
CA GLY A 11 41.29 -1.74 0.02
C GLY A 11 40.89 -2.82 -0.98
N ALA A 12 41.25 -4.06 -0.67
CA ALA A 12 40.87 -5.21 -1.50
C ALA A 12 39.65 -5.91 -0.91
N TYR A 13 38.70 -6.29 -1.78
CA TYR A 13 37.51 -7.02 -1.37
C TYR A 13 37.36 -8.31 -2.19
N VAL A 14 37.51 -9.47 -1.54
CA VAL A 14 37.43 -10.75 -2.24
C VAL A 14 35.98 -11.19 -2.43
N LEU A 15 35.64 -11.59 -3.66
CA LEU A 15 34.34 -12.22 -3.90
C LEU A 15 34.59 -13.67 -4.30
N ASP A 16 34.14 -14.60 -3.45
CA ASP A 16 34.46 -16.01 -3.63
C ASP A 16 33.32 -16.94 -3.22
N ASP A 17 33.18 -18.04 -3.94
CA ASP A 17 32.16 -19.05 -3.67
C ASP A 17 32.79 -20.38 -3.22
N SER A 18 34.11 -20.36 -3.00
CA SER A 18 34.87 -21.59 -2.73
C SER A 18 34.55 -22.19 -1.38
N ASP A 19 34.39 -21.34 -0.37
CA ASP A 19 34.04 -21.81 0.97
C ASP A 19 32.53 -21.88 1.14
N GLY A 20 31.82 -22.00 0.01
CA GLY A 20 30.38 -22.14 0.06
C GLY A 20 29.61 -20.87 -0.21
N LEU A 21 28.32 -20.90 0.10
CA LEU A 21 27.44 -19.79 -0.25
C LEU A 21 26.71 -19.24 0.97
N GLY A 22 26.23 -18.01 0.83
CA GLY A 22 25.45 -17.38 1.88
C GLY A 22 24.01 -17.86 1.83
N ARG A 23 23.09 -17.00 2.24
CA ARG A 23 21.68 -17.37 2.25
C ARG A 23 21.00 -17.25 0.88
N GLU A 24 19.97 -18.05 0.67
CA GLU A 24 19.14 -17.95 -0.53
C GLU A 24 18.38 -16.62 -0.56
N PHE A 25 18.43 -15.94 -1.70
CA PHE A 25 17.71 -14.69 -1.92
C PHE A 25 16.27 -15.02 -2.28
N ASP A 26 15.32 -14.34 -1.63
CA ASP A 26 13.90 -14.64 -1.80
C ASP A 26 13.12 -13.62 -2.64
N GLY A 27 13.70 -12.44 -2.86
CA GLY A 27 13.08 -11.45 -3.72
C GLY A 27 12.84 -10.08 -3.09
N ILE A 28 12.75 -9.07 -3.95
CA ILE A 28 12.32 -7.74 -3.54
C ILE A 28 10.87 -7.52 -3.97
N GLY A 29 10.08 -6.87 -3.13
CA GLY A 29 8.70 -6.57 -3.49
C GLY A 29 8.17 -5.29 -2.87
N ALA A 30 6.84 -5.13 -2.94
CA ALA A 30 6.17 -3.95 -2.39
C ALA A 30 4.75 -4.28 -1.94
N VAL A 31 4.17 -3.40 -1.12
CA VAL A 31 2.85 -3.64 -0.58
C VAL A 31 1.77 -2.77 -1.24
N SER A 32 0.71 -3.41 -1.70
CA SER A 32 -0.45 -2.64 -2.07
C SER A 32 -1.51 -2.89 -1.02
N GLY A 33 -1.79 -1.85 -0.22
CA GLY A 33 -2.73 -2.00 0.86
C GLY A 33 -2.17 -1.38 2.12
N GLY A 34 -2.96 -1.45 3.19
CA GLY A 34 -2.64 -0.78 4.43
C GLY A 34 -2.34 0.71 4.25
N GLY A 35 -3.27 1.50 3.71
CA GLY A 35 -4.61 1.07 3.31
C GLY A 35 -5.12 1.90 2.14
N ALA A 36 -5.69 1.23 1.15
CA ALA A 36 -6.23 1.90 -0.05
C ALA A 36 -5.15 2.70 -0.79
N THR A 37 -3.94 2.17 -0.81
CA THR A 37 -2.82 2.90 -1.39
C THR A 37 -2.90 2.93 -2.92
N SER A 38 -3.62 1.97 -3.50
CA SER A 38 -3.77 1.88 -4.95
C SER A 38 -5.12 2.38 -5.42
N ARG A 39 -5.79 3.16 -4.57
CA ARG A 39 -7.17 3.59 -4.79
C ARG A 39 -7.41 4.35 -6.12
N LEU A 40 -6.47 5.21 -6.50
CA LEU A 40 -6.66 6.11 -7.64
C LEU A 40 -6.02 5.56 -8.92
N LEU A 41 -5.44 4.39 -8.83
CA LEU A 41 -4.79 3.79 -10.00
C LEU A 41 -5.82 3.22 -10.95
N VAL A 42 -6.90 2.68 -10.39
CA VAL A 42 -7.84 1.85 -11.15
C VAL A 42 -8.59 2.56 -12.26
N ASN A 43 -8.83 3.86 -12.09
CA ASN A 43 -9.53 4.63 -13.11
C ASN A 43 -8.61 5.49 -13.99
N TYR A 44 -7.31 5.19 -14.01
CA TYR A 44 -6.45 5.77 -15.02
C TYR A 44 -6.92 5.34 -16.39
N PRO A 45 -6.94 6.27 -17.36
CA PRO A 45 -7.21 5.91 -18.75
C PRO A 45 -6.05 5.13 -19.34
N GLU A 46 -6.32 4.27 -20.32
CA GLU A 46 -5.25 3.68 -21.10
C GLU A 46 -4.69 4.78 -22.01
N PRO A 47 -3.42 4.67 -22.42
CA PRO A 47 -2.49 3.57 -22.17
C PRO A 47 -1.82 3.72 -20.81
N TYR A 48 -2.06 4.83 -20.12
CA TYR A 48 -1.25 5.22 -18.96
C TYR A 48 -1.30 4.19 -17.83
N ARG A 49 -2.50 3.63 -17.60
CA ARG A 49 -2.67 2.63 -16.56
C ARG A 49 -1.75 1.44 -16.81
N SER A 50 -1.75 0.95 -18.05
CA SER A 50 -0.91 -0.19 -18.42
C SER A 50 0.59 0.13 -18.38
N GLU A 51 0.94 1.37 -18.72
CA GLU A 51 2.34 1.82 -18.60
C GLU A 51 2.80 1.79 -17.15
N ILE A 52 1.99 2.32 -16.25
CA ILE A 52 2.33 2.33 -14.83
C ILE A 52 2.58 0.91 -14.33
N LEU A 53 1.66 0.01 -14.65
CA LEU A 53 1.80 -1.40 -14.29
C LEU A 53 3.08 -2.05 -14.83
N ASP A 54 3.46 -1.69 -16.06
CA ASP A 54 4.70 -2.16 -16.66
C ASP A 54 5.91 -1.67 -15.89
N TYR A 55 5.91 -0.38 -15.53
CA TYR A 55 7.03 0.18 -14.77
C TYR A 55 7.24 -0.60 -13.48
N LEU A 56 6.14 -1.14 -12.96
CA LEU A 56 6.16 -1.88 -11.70
C LEU A 56 6.49 -3.36 -11.87
N PHE A 57 5.89 -4.01 -12.86
CA PHE A 57 5.85 -5.48 -12.89
C PHE A 57 6.48 -6.14 -14.11
N LYS A 58 6.53 -5.43 -15.23
CA LYS A 58 7.15 -5.96 -16.44
C LYS A 58 8.64 -6.23 -16.23
N PRO A 59 9.08 -7.49 -16.44
CA PRO A 59 10.46 -7.96 -16.30
C PRO A 59 11.41 -7.26 -17.26
N ASN A 60 12.64 -7.02 -16.84
CA ASN A 60 13.64 -6.35 -17.67
C ASN A 60 13.11 -5.02 -18.23
N PHE A 61 12.56 -4.20 -17.35
CA PHE A 61 11.92 -2.96 -17.78
C PHE A 61 12.04 -1.87 -16.72
N GLY A 62 11.28 -2.03 -15.64
CA GLY A 62 11.27 -1.02 -14.59
C GLY A 62 11.67 -1.62 -13.27
N ALA A 63 10.83 -1.41 -12.27
CA ALA A 63 11.08 -1.95 -10.94
C ALA A 63 11.08 -3.48 -10.94
N SER A 64 10.49 -4.07 -11.99
CA SER A 64 10.53 -5.54 -12.22
C SER A 64 10.41 -6.34 -10.92
N LEU A 65 9.36 -6.08 -10.15
CA LEU A 65 9.26 -6.60 -8.78
C LEU A 65 9.08 -8.12 -8.76
N HIS A 66 9.70 -8.75 -7.77
CA HIS A 66 9.65 -10.20 -7.61
C HIS A 66 8.44 -10.61 -6.76
N ILE A 67 7.96 -9.68 -5.94
CA ILE A 67 6.96 -9.97 -4.92
C ILE A 67 5.89 -8.87 -4.89
N LEU A 68 4.62 -9.28 -4.77
CA LEU A 68 3.54 -8.33 -4.53
C LEU A 68 2.75 -8.77 -3.30
N LYS A 69 2.77 -7.93 -2.27
CA LYS A 69 2.02 -8.21 -1.07
C LYS A 69 0.78 -7.32 -1.04
N VAL A 70 -0.37 -7.90 -0.72
CA VAL A 70 -1.57 -7.09 -0.66
C VAL A 70 -2.35 -7.26 0.64
N GLU A 71 -3.09 -6.22 0.98
CA GLU A 71 -3.99 -6.28 2.13
C GLU A 71 -5.22 -7.14 1.82
N ILE A 72 -5.60 -7.97 2.78
CA ILE A 72 -6.89 -8.64 2.70
C ILE A 72 -7.86 -7.73 3.44
N GLY A 73 -8.59 -6.95 2.66
CA GLY A 73 -9.48 -5.92 3.18
C GLY A 73 -10.44 -6.46 4.20
N GLY A 74 -10.59 -5.73 5.31
CA GLY A 74 -11.49 -6.15 6.37
C GLY A 74 -12.53 -5.07 6.68
N ASP A 75 -12.76 -4.19 5.71
CA ASP A 75 -13.75 -3.10 5.84
C ASP A 75 -13.35 -2.00 6.82
N GLY A 76 -12.20 -2.12 7.46
CA GLY A 76 -11.76 -1.08 8.38
C GLY A 76 -10.75 -0.12 7.76
N GLN A 77 -10.59 1.06 8.35
CA GLN A 77 -9.61 2.05 7.89
C GLN A 77 -8.21 1.48 8.18
N THR A 78 -7.34 1.47 7.16
CA THR A 78 -6.02 0.82 7.31
C THR A 78 -4.77 1.64 6.89
N THR A 79 -4.96 2.96 6.75
CA THR A 79 -3.93 4.03 6.76
C THR A 79 -4.31 5.21 5.84
N ASP A 80 -4.71 4.90 4.61
CA ASP A 80 -5.15 5.92 3.66
C ASP A 80 -6.57 5.65 3.13
N GLY A 81 -7.35 4.88 3.90
CA GLY A 81 -8.73 4.55 3.53
C GLY A 81 -9.14 3.18 4.07
N THR A 82 -10.36 2.75 3.76
CA THR A 82 -10.78 1.39 4.09
C THR A 82 -10.58 0.54 2.84
N GLU A 83 -10.50 -0.78 2.96
CA GLU A 83 -10.54 -1.63 1.77
C GLU A 83 -11.60 -2.71 1.98
N PRO A 84 -12.48 -2.93 0.98
CA PRO A 84 -13.63 -3.84 1.10
C PRO A 84 -13.25 -5.30 1.33
N SER A 85 -14.00 -5.93 2.23
CA SER A 85 -13.79 -7.34 2.57
C SER A 85 -14.56 -8.26 1.62
N HIS A 86 -14.15 -9.51 1.53
CA HIS A 86 -14.91 -10.49 0.76
C HIS A 86 -16.14 -10.97 1.53
N MET A 87 -16.18 -10.75 2.84
CA MET A 87 -17.37 -11.12 3.64
C MET A 87 -17.83 -9.98 4.56
N HIS A 88 -18.66 -9.09 4.04
CA HIS A 88 -19.16 -7.96 4.84
C HIS A 88 -19.97 -8.42 6.04
N TYR A 89 -20.77 -9.48 5.84
CA TYR A 89 -21.65 -10.01 6.87
C TYR A 89 -21.44 -11.50 6.92
N GLU A 90 -21.92 -12.14 7.97
CA GLU A 90 -22.03 -13.60 7.98
C GLU A 90 -22.89 -14.04 6.76
N LEU A 91 -22.52 -15.15 6.12
CA LEU A 91 -23.19 -15.69 4.93
C LEU A 91 -22.99 -14.87 3.66
N ASP A 92 -22.19 -13.83 3.75
CA ASP A 92 -21.92 -13.07 2.55
C ASP A 92 -20.57 -13.47 1.97
N GLU A 93 -20.52 -13.78 0.69
CA GLU A 93 -19.22 -13.99 0.02
C GLU A 93 -19.22 -13.29 -1.32
N ASN A 94 -18.19 -12.49 -1.58
CA ASN A 94 -18.05 -11.84 -2.88
C ASN A 94 -16.58 -11.61 -3.17
N TYR A 95 -16.11 -12.12 -4.30
CA TYR A 95 -14.66 -12.10 -4.57
C TYR A 95 -14.35 -11.16 -5.73
N PHE A 96 -15.18 -10.14 -5.86
CA PHE A 96 -15.02 -9.16 -6.92
C PHE A 96 -14.98 -7.71 -6.43
N ARG A 97 -14.95 -7.51 -5.11
CA ARG A 97 -14.87 -6.16 -4.58
C ARG A 97 -13.42 -5.64 -4.56
N GLY A 98 -13.26 -4.32 -4.55
CA GLY A 98 -11.95 -3.70 -4.38
C GLY A 98 -11.07 -3.77 -5.61
N TYR A 99 -9.77 -3.66 -5.42
CA TYR A 99 -8.91 -3.61 -6.57
C TYR A 99 -7.68 -4.52 -6.45
N GLU A 100 -7.56 -5.23 -5.34
CA GLU A 100 -6.40 -6.10 -5.15
C GLU A 100 -6.48 -7.33 -6.05
N TRP A 101 -7.68 -7.82 -6.35
CA TRP A 101 -7.82 -8.96 -7.28
C TRP A 101 -7.26 -8.56 -8.65
N TRP A 102 -7.78 -7.44 -9.17
CA TRP A 102 -7.34 -6.89 -10.44
C TRP A 102 -5.83 -6.66 -10.44
N LEU A 103 -5.31 -6.07 -9.37
CA LEU A 103 -3.89 -5.75 -9.34
C LEU A 103 -3.01 -7.00 -9.40
N MET A 104 -3.34 -8.01 -8.61
CA MET A 104 -2.61 -9.26 -8.64
C MET A 104 -2.62 -9.86 -10.04
N LYS A 105 -3.79 -9.86 -10.67
CA LYS A 105 -3.88 -10.36 -12.05
C LYS A 105 -3.05 -9.56 -13.06
N GLU A 106 -3.01 -8.24 -12.90
CA GLU A 106 -2.18 -7.43 -13.80
C GLU A 106 -0.70 -7.71 -13.56
N ALA A 107 -0.33 -7.93 -12.30
CA ALA A 107 1.05 -8.25 -11.95
C ALA A 107 1.43 -9.58 -12.57
N LYS A 108 0.56 -10.58 -12.37
CA LYS A 108 0.81 -11.93 -12.89
C LYS A 108 0.84 -11.97 -14.43
N LYS A 109 0.08 -11.10 -15.08
CA LYS A 109 0.10 -11.05 -16.54
C LYS A 109 1.46 -10.60 -17.09
N ARG A 110 2.15 -9.75 -16.34
CA ARG A 110 3.41 -9.20 -16.79
C ARG A 110 4.54 -10.10 -16.32
N ASN A 111 4.35 -10.69 -15.16
CA ASN A 111 5.33 -11.63 -14.63
C ASN A 111 4.67 -12.83 -13.96
N PRO A 112 4.61 -13.95 -14.70
CA PRO A 112 3.95 -15.19 -14.27
C PRO A 112 4.59 -15.77 -13.03
N ASP A 113 5.87 -15.49 -12.81
CA ASP A 113 6.59 -16.03 -11.65
C ASP A 113 6.56 -15.10 -10.44
N ILE A 114 5.78 -14.02 -10.50
CA ILE A 114 5.70 -13.13 -9.34
C ILE A 114 5.22 -13.87 -8.10
N ILE A 115 5.74 -13.49 -6.94
CA ILE A 115 5.34 -14.12 -5.68
C ILE A 115 4.20 -13.31 -5.02
N LEU A 116 3.07 -13.98 -4.72
CA LEU A 116 1.93 -13.29 -4.14
C LEU A 116 1.74 -13.51 -2.62
N MET A 117 1.51 -12.42 -1.89
CA MET A 117 1.29 -12.49 -0.45
C MET A 117 0.03 -11.73 -0.03
N GLY A 118 -0.66 -12.28 0.95
CA GLY A 118 -1.84 -11.64 1.55
C GLY A 118 -1.71 -11.45 3.05
N LEU A 119 -2.22 -10.33 3.58
CA LEU A 119 -2.18 -10.08 5.03
C LEU A 119 -3.35 -9.21 5.50
N PRO A 120 -4.03 -9.62 6.57
CA PRO A 120 -5.10 -8.76 7.08
C PRO A 120 -4.59 -7.66 8.00
N TRP A 121 -5.21 -6.48 7.89
CA TRP A 121 -5.00 -5.34 8.77
C TRP A 121 -6.23 -5.24 9.70
N SER A 122 -7.43 -5.30 9.14
CA SER A 122 -8.66 -5.23 9.92
C SER A 122 -9.54 -6.42 9.58
N PHE A 123 -10.65 -6.61 10.30
CA PHE A 123 -11.57 -7.71 10.03
C PHE A 123 -12.98 -7.16 10.17
N PRO A 124 -13.96 -7.79 9.48
CA PRO A 124 -15.36 -7.39 9.69
C PRO A 124 -15.79 -7.68 11.12
N GLY A 125 -16.66 -6.82 11.66
CA GLY A 125 -17.04 -6.93 13.05
C GLY A 125 -17.70 -8.25 13.43
N TRP A 126 -18.41 -8.87 12.49
CA TRP A 126 -19.18 -10.06 12.83
C TRP A 126 -18.28 -11.23 13.24
N LEU A 127 -17.02 -11.21 12.81
CA LEU A 127 -16.07 -12.25 13.20
C LEU A 127 -15.76 -12.21 14.70
N GLY A 128 -16.04 -11.09 15.33
CA GLY A 128 -15.64 -10.89 16.72
C GLY A 128 -16.70 -11.38 17.68
N LYS A 129 -17.88 -11.71 17.14
CA LYS A 129 -18.99 -12.29 17.88
C LYS A 129 -19.31 -11.52 19.17
N GLY A 130 -19.32 -10.19 19.09
CA GLY A 130 -19.59 -9.40 20.27
C GLY A 130 -18.39 -8.60 20.78
N PHE A 131 -17.18 -8.97 20.38
CA PHE A 131 -15.98 -8.22 20.77
C PHE A 131 -15.19 -7.73 19.57
N SER A 132 -14.38 -6.70 19.77
CA SER A 132 -13.49 -6.23 18.72
C SER A 132 -12.19 -7.04 18.78
N TRP A 133 -12.29 -8.35 18.57
CA TRP A 133 -11.15 -9.24 18.74
C TRP A 133 -11.25 -10.47 17.84
N PRO A 134 -10.21 -10.71 17.03
CA PRO A 134 -10.22 -11.76 15.98
C PRO A 134 -9.90 -13.16 16.52
N TYR A 135 -9.52 -13.24 17.79
CA TYR A 135 -9.13 -14.52 18.36
C TYR A 135 -10.21 -15.07 19.30
N VAL A 136 -11.43 -14.58 19.17
CA VAL A 136 -12.53 -15.08 20.01
C VAL A 136 -12.91 -16.49 19.55
N ASN A 137 -13.02 -16.67 18.25
CA ASN A 137 -13.28 -17.98 17.68
C ASN A 137 -12.21 -18.19 16.61
N LEU A 138 -11.18 -18.97 16.97
CA LEU A 138 -10.02 -19.18 16.11
C LEU A 138 -10.41 -19.82 14.78
N GLN A 139 -11.28 -20.83 14.82
CA GLN A 139 -11.67 -21.49 13.57
C GLN A 139 -12.43 -20.54 12.65
N LEU A 140 -13.28 -19.70 13.21
CA LEU A 140 -14.04 -18.74 12.38
C LEU A 140 -13.13 -17.74 11.67
N THR A 141 -12.16 -17.19 12.40
CA THR A 141 -11.25 -16.25 11.77
C THR A 141 -10.37 -16.96 10.73
N ALA A 142 -9.93 -18.17 11.03
CA ALA A 142 -9.13 -18.91 10.05
C ALA A 142 -9.97 -19.26 8.81
N TYR A 143 -11.24 -19.59 9.05
CA TYR A 143 -12.17 -19.90 7.96
C TYR A 143 -12.32 -18.72 7.02
N TYR A 144 -12.49 -17.54 7.60
CA TYR A 144 -12.56 -16.30 6.83
C TYR A 144 -11.30 -16.07 5.98
N VAL A 145 -10.13 -16.17 6.60
CA VAL A 145 -8.89 -15.96 5.86
C VAL A 145 -8.73 -16.99 4.76
N VAL A 146 -8.99 -18.26 5.07
CA VAL A 146 -8.76 -19.28 4.08
C VAL A 146 -9.73 -19.14 2.90
N ARG A 147 -10.99 -18.77 3.17
CA ARG A 147 -11.95 -18.42 2.09
C ARG A 147 -11.33 -17.51 1.08
N TRP A 148 -10.59 -16.50 1.55
CA TRP A 148 -9.98 -15.53 0.66
C TRP A 148 -8.97 -16.20 -0.26
N ILE A 149 -8.20 -17.14 0.29
CA ILE A 149 -7.14 -17.76 -0.49
C ILE A 149 -7.76 -18.67 -1.55
N LEU A 150 -8.79 -19.42 -1.14
CA LEU A 150 -9.54 -20.24 -2.08
C LEU A 150 -10.15 -19.40 -3.21
N GLY A 151 -10.73 -18.25 -2.85
CA GLY A 151 -11.37 -17.37 -3.81
C GLY A 151 -10.39 -16.88 -4.85
N ALA A 152 -9.18 -16.51 -4.40
CA ALA A 152 -8.13 -16.09 -5.32
C ALA A 152 -7.91 -17.14 -6.41
N LYS A 153 -7.82 -18.40 -6.00
CA LYS A 153 -7.66 -19.48 -6.97
C LYS A 153 -8.91 -19.64 -7.83
N HIS A 154 -10.07 -19.80 -7.18
CA HIS A 154 -11.29 -20.16 -7.91
C HIS A 154 -11.85 -19.07 -8.83
N TYR A 155 -11.76 -17.81 -8.41
CA TYR A 155 -12.32 -16.74 -9.23
C TYR A 155 -11.29 -16.02 -10.09
N HIS A 156 -10.00 -16.16 -9.77
CA HIS A 156 -8.98 -15.36 -10.45
C HIS A 156 -7.77 -16.13 -10.98
N ASP A 157 -7.75 -17.44 -10.72
CA ASP A 157 -6.62 -18.29 -11.08
C ASP A 157 -5.34 -17.77 -10.40
N LEU A 158 -5.48 -17.37 -9.13
CA LEU A 158 -4.35 -16.82 -8.37
C LEU A 158 -3.93 -17.76 -7.27
N ASP A 159 -2.64 -18.04 -7.25
CA ASP A 159 -2.02 -18.87 -6.25
C ASP A 159 -1.31 -17.96 -5.27
N ILE A 160 -1.89 -17.81 -4.09
CA ILE A 160 -1.28 -16.99 -3.06
C ILE A 160 -0.13 -17.81 -2.48
N ASP A 161 1.08 -17.25 -2.47
CA ASP A 161 2.22 -17.97 -1.94
C ASP A 161 2.37 -17.85 -0.42
N TYR A 162 2.11 -16.67 0.12
CA TYR A 162 2.31 -16.46 1.55
C TYR A 162 1.10 -15.84 2.22
N ILE A 163 0.80 -16.33 3.42
CA ILE A 163 -0.31 -15.79 4.22
C ILE A 163 0.23 -15.34 5.59
N GLY A 164 -0.15 -14.14 6.02
CA GLY A 164 0.29 -13.63 7.33
C GLY A 164 -0.79 -13.72 8.40
N ILE A 165 -0.55 -13.06 9.52
CA ILE A 165 -1.37 -13.25 10.72
C ILE A 165 -2.28 -12.03 10.99
N TRP A 166 -1.73 -10.99 11.62
CA TRP A 166 -2.51 -9.76 11.88
C TRP A 166 -1.55 -8.60 11.92
N ASN A 167 -1.59 -7.79 10.87
CA ASN A 167 -0.60 -6.74 10.66
C ASN A 167 -0.35 -5.83 11.84
N GLU A 168 0.91 -5.77 12.29
CA GLU A 168 1.32 -4.87 13.37
C GLU A 168 0.51 -5.06 14.66
N ARG A 169 -0.06 -6.24 14.86
CA ARG A 169 -0.93 -6.50 16.02
C ARG A 169 -0.57 -7.85 16.61
N PRO A 170 -1.09 -8.18 17.81
CA PRO A 170 -0.60 -9.42 18.42
C PRO A 170 -1.00 -10.68 17.67
N PHE A 171 -0.17 -11.73 17.78
CA PHE A 171 -0.52 -13.04 17.26
C PHE A 171 -1.02 -13.95 18.38
N ASP A 172 -1.70 -15.02 18.00
CA ASP A 172 -2.12 -16.01 18.96
C ASP A 172 -1.56 -17.32 18.43
N ALA A 173 -0.75 -18.00 19.24
CA ALA A 173 -0.02 -19.16 18.73
C ALA A 173 -1.02 -20.25 18.34
N ASN A 174 -2.11 -20.35 19.09
CA ASN A 174 -3.15 -21.30 18.74
C ASN A 174 -3.84 -20.95 17.40
N TYR A 175 -3.98 -19.65 17.10
CA TYR A 175 -4.52 -19.25 15.81
C TYR A 175 -3.62 -19.67 14.67
N ILE A 176 -2.31 -19.46 14.82
CA ILE A 176 -1.40 -19.78 13.75
C ILE A 176 -1.45 -21.28 13.45
N LYS A 177 -1.53 -22.09 14.50
CA LYS A 177 -1.66 -23.54 14.36
C LYS A 177 -2.98 -23.94 13.64
N GLU A 178 -4.09 -23.34 14.07
N GLU A 178 -4.10 -23.34 14.07
CA GLU A 178 -5.39 -23.59 13.45
CA GLU A 178 -5.40 -23.61 13.44
C GLU A 178 -5.39 -23.16 11.99
C GLU A 178 -5.43 -23.13 11.99
N LEU A 179 -4.77 -22.02 11.70
CA LEU A 179 -4.66 -21.53 10.32
C LEU A 179 -3.91 -22.54 9.44
N ARG A 180 -2.86 -23.17 10.00
CA ARG A 180 -2.12 -24.20 9.26
C ARG A 180 -3.00 -25.44 8.99
N LYS A 181 -3.67 -25.92 10.04
CA LYS A 181 -4.57 -27.07 9.98
C LYS A 181 -5.69 -26.83 8.95
N MET A 182 -6.31 -25.67 9.02
CA MET A 182 -7.35 -25.25 8.07
C MET A 182 -6.82 -25.12 6.64
N LEU A 183 -5.63 -24.56 6.47
CA LEU A 183 -5.03 -24.48 5.15
C LEU A 183 -4.86 -25.88 4.58
N ASP A 184 -4.28 -26.77 5.39
CA ASP A 184 -4.04 -28.14 4.94
C ASP A 184 -5.37 -28.84 4.61
N TYR A 185 -6.38 -28.65 5.46
CA TYR A 185 -7.69 -29.28 5.28
C TYR A 185 -8.35 -28.89 3.96
N GLN A 186 -8.13 -27.65 3.53
CA GLN A 186 -8.71 -27.14 2.30
C GLN A 186 -7.79 -27.34 1.09
N GLY A 187 -6.75 -28.17 1.26
CA GLY A 187 -5.89 -28.52 0.15
C GLY A 187 -4.86 -27.46 -0.19
N LEU A 188 -4.55 -26.62 0.80
CA LEU A 188 -3.58 -25.54 0.57
C LEU A 188 -2.26 -25.80 1.31
N GLN A 189 -1.78 -27.03 1.25
CA GLN A 189 -0.49 -27.37 1.84
C GLN A 189 0.63 -26.52 1.27
N ARG A 190 0.48 -26.07 0.02
CA ARG A 190 1.57 -25.32 -0.60
C ARG A 190 1.69 -23.88 -0.07
N VAL A 191 0.64 -23.38 0.56
CA VAL A 191 0.65 -22.01 1.06
C VAL A 191 1.55 -21.92 2.30
N ARG A 192 2.49 -20.98 2.31
CA ARG A 192 3.35 -20.77 3.47
C ARG A 192 2.83 -19.70 4.41
N ILE A 193 3.20 -19.81 5.69
CA ILE A 193 2.81 -18.83 6.69
C ILE A 193 3.98 -17.93 7.07
N ILE A 194 3.75 -16.62 7.08
CA ILE A 194 4.73 -15.65 7.59
C ILE A 194 4.23 -14.97 8.87
N ALA A 195 5.13 -14.78 9.84
CA ALA A 195 4.74 -14.22 11.13
C ALA A 195 5.82 -13.29 11.71
N SER A 196 5.43 -12.27 12.47
CA SER A 196 4.03 -11.96 12.76
C SER A 196 3.74 -10.57 12.25
N ASP A 197 4.58 -10.12 11.31
CA ASP A 197 4.43 -8.81 10.69
C ASP A 197 4.33 -7.71 11.76
N ASN A 198 5.27 -7.79 12.70
CA ASN A 198 5.39 -6.83 13.80
C ASN A 198 6.89 -6.71 14.16
N LEU A 199 7.25 -6.86 15.44
CA LEU A 199 8.67 -6.81 15.84
C LEU A 199 9.28 -8.21 15.85
N TRP A 200 10.59 -8.32 16.10
CA TRP A 200 11.21 -9.64 16.13
C TRP A 200 10.66 -10.51 17.24
N GLU A 201 10.22 -9.87 18.33
CA GLU A 201 9.62 -10.54 19.47
C GLU A 201 8.16 -10.09 19.65
N PRO A 202 7.30 -10.96 20.19
CA PRO A 202 7.68 -12.25 20.76
C PRO A 202 7.70 -13.45 19.79
N ILE A 203 7.55 -13.27 18.48
CA ILE A 203 7.52 -14.44 17.59
C ILE A 203 8.81 -15.28 17.64
N SER A 204 9.96 -14.61 17.64
CA SER A 204 11.26 -15.29 17.59
C SER A 204 11.50 -16.23 18.77
N SER A 205 11.30 -15.76 19.99
CA SER A 205 11.49 -16.65 21.14
C SER A 205 10.39 -17.70 21.25
N SER A 206 9.18 -17.35 20.81
CA SER A 206 8.09 -18.32 20.78
C SER A 206 8.43 -19.55 19.93
N LEU A 207 9.05 -19.30 18.79
CA LEU A 207 9.47 -20.37 17.91
C LEU A 207 10.59 -21.25 18.50
N LEU A 208 11.29 -20.80 19.54
CA LEU A 208 12.41 -21.59 20.08
C LEU A 208 11.91 -22.44 21.23
N LEU A 209 10.80 -22.01 21.84
CA LEU A 209 10.27 -22.63 23.03
C LEU A 209 9.13 -23.60 22.70
N ASP A 210 8.62 -23.52 21.47
CA ASP A 210 7.45 -24.29 21.07
C ASP A 210 7.74 -24.95 19.72
N GLN A 211 8.00 -26.25 19.76
CA GLN A 211 8.34 -26.97 18.55
C GLN A 211 7.15 -27.04 17.56
N GLU A 212 5.94 -27.18 18.09
CA GLU A 212 4.78 -27.28 17.21
C GLU A 212 4.58 -25.98 16.44
N LEU A 213 4.86 -24.86 17.08
CA LEU A 213 4.76 -23.56 16.43
C LEU A 213 5.86 -23.39 15.39
N TRP A 214 7.06 -23.84 15.77
CA TRP A 214 8.20 -23.80 14.86
C TRP A 214 7.89 -24.52 13.56
N LYS A 215 7.14 -25.62 13.64
CA LYS A 215 6.85 -26.35 12.40
C LYS A 215 5.94 -25.58 11.43
N VAL A 216 4.98 -24.82 11.97
CA VAL A 216 3.97 -24.18 11.11
C VAL A 216 4.36 -22.80 10.56
N VAL A 217 5.47 -22.23 11.03
CA VAL A 217 5.89 -20.90 10.58
C VAL A 217 7.06 -20.99 9.62
N ASP A 218 6.86 -20.57 8.38
CA ASP A 218 7.91 -20.73 7.39
C ASP A 218 8.86 -19.55 7.35
N VAL A 219 8.35 -18.36 7.66
CA VAL A 219 9.13 -17.13 7.50
C VAL A 219 8.88 -16.17 8.66
N ILE A 220 9.96 -15.62 9.24
CA ILE A 220 9.79 -14.58 10.24
C ILE A 220 9.83 -13.22 9.53
N GLY A 221 8.70 -12.54 9.49
CA GLY A 221 8.62 -11.26 8.80
C GLY A 221 8.55 -10.15 9.84
N ALA A 222 9.53 -9.25 9.81
CA ALA A 222 9.57 -8.17 10.78
C ALA A 222 9.44 -6.82 10.09
N HIS A 223 8.94 -5.82 10.82
CA HIS A 223 8.71 -4.49 10.23
C HIS A 223 9.73 -3.42 10.64
N TYR A 224 10.19 -2.64 9.66
CA TYR A 224 11.11 -1.51 9.91
C TYR A 224 12.23 -1.86 10.88
N PRO A 225 13.01 -2.90 10.57
CA PRO A 225 13.96 -3.45 11.54
C PRO A 225 15.29 -2.70 11.55
N GLY A 226 15.38 -1.62 10.77
CA GLY A 226 16.59 -0.81 10.75
C GLY A 226 17.84 -1.61 10.40
N THR A 227 17.70 -2.49 9.41
CA THR A 227 18.79 -3.30 8.85
C THR A 227 19.29 -4.43 9.75
N TYR A 228 18.74 -4.52 10.96
CA TYR A 228 19.19 -5.51 11.94
C TYR A 228 18.13 -6.53 12.31
N THR A 229 18.58 -7.72 12.72
CA THR A 229 17.70 -8.73 13.33
C THR A 229 18.15 -8.93 14.79
N VAL A 230 17.71 -9.99 15.47
CA VAL A 230 18.07 -10.23 16.87
C VAL A 230 18.47 -11.70 16.99
N TRP A 231 19.10 -12.07 18.11
CA TRP A 231 19.74 -13.37 18.20
C TRP A 231 18.77 -14.56 18.09
N ASN A 232 17.65 -14.49 18.81
CA ASN A 232 16.63 -15.54 18.77
C ASN A 232 16.17 -15.86 17.33
N ALA A 233 16.22 -14.87 16.44
CA ALA A 233 15.76 -15.03 15.06
C ALA A 233 16.78 -15.84 14.25
N LYS A 234 18.05 -15.47 14.37
CA LYS A 234 19.12 -16.25 13.74
C LYS A 234 19.08 -17.70 14.22
N MET A 235 18.92 -17.89 15.52
CA MET A 235 18.85 -19.24 16.11
C MET A 235 17.71 -20.11 15.56
N SER A 236 16.62 -19.48 15.10
CA SER A 236 15.45 -20.22 14.62
C SER A 236 15.82 -20.98 13.34
N GLY A 237 16.70 -20.37 12.56
CA GLY A 237 17.06 -20.95 11.27
C GLY A 237 15.94 -20.75 10.27
N LYS A 238 14.98 -19.88 10.61
CA LYS A 238 13.95 -19.49 9.66
C LYS A 238 14.45 -18.41 8.70
N LYS A 239 13.86 -18.36 7.52
CA LYS A 239 14.05 -17.25 6.60
C LYS A 239 13.63 -15.94 7.28
N LEU A 240 14.42 -14.89 7.13
CA LEU A 240 14.12 -13.62 7.79
C LEU A 240 13.87 -12.58 6.71
N TRP A 241 12.69 -11.97 6.75
CA TRP A 241 12.32 -10.95 5.79
C TRP A 241 12.03 -9.63 6.48
N SER A 242 12.44 -8.53 5.86
CA SER A 242 11.87 -7.25 6.21
C SER A 242 10.53 -7.16 5.47
N SER A 243 9.46 -7.66 6.09
CA SER A 243 8.17 -7.79 5.39
C SER A 243 7.41 -6.48 5.25
N GLU A 244 7.90 -5.42 5.90
CA GLU A 244 7.43 -4.08 5.60
C GLU A 244 8.50 -3.06 5.98
N ASP A 245 8.92 -2.27 5.00
CA ASP A 245 9.97 -1.28 5.22
C ASP A 245 9.68 -0.08 4.34
N PHE A 246 10.66 0.83 4.24
CA PHE A 246 10.58 2.03 3.39
C PHE A 246 9.65 3.12 3.96
N SER A 247 8.41 3.21 3.45
CA SER A 247 7.45 4.22 3.94
C SER A 247 8.03 5.64 3.92
N THR A 248 8.88 5.94 2.94
CA THR A 248 9.50 7.25 2.86
C THR A 248 9.12 7.97 1.56
N ILE A 249 8.93 9.29 1.64
CA ILE A 249 8.63 10.10 0.46
C ILE A 249 9.57 9.79 -0.70
N ASN A 250 9.00 9.58 -1.89
CA ASN A 250 9.80 9.07 -3.00
C ASN A 250 10.61 10.12 -3.77
N SER A 251 11.13 11.10 -3.04
CA SER A 251 12.17 11.98 -3.58
C SER A 251 13.49 11.20 -3.66
N ASN A 252 14.56 11.91 -4.02
CA ASN A 252 15.88 11.29 -4.00
C ASN A 252 16.25 10.80 -2.59
N VAL A 253 15.79 11.53 -1.56
CA VAL A 253 16.04 11.12 -0.17
C VAL A 253 15.50 9.71 0.07
N GLY A 254 14.25 9.48 -0.32
CA GLY A 254 13.63 8.17 -0.21
C GLY A 254 14.32 7.11 -1.04
N ALA A 255 14.76 7.49 -2.23
CA ALA A 255 15.46 6.54 -3.08
C ALA A 255 16.78 6.09 -2.41
N GLY A 256 17.41 6.97 -1.64
CA GLY A 256 18.67 6.62 -1.00
C GLY A 256 18.43 5.63 0.13
N CYS A 257 17.35 5.87 0.87
CA CYS A 257 16.96 4.99 1.97
C CYS A 257 16.73 3.58 1.43
N TRP A 258 15.99 3.48 0.33
CA TRP A 258 15.65 2.20 -0.31
C TRP A 258 16.94 1.52 -0.75
N SER A 259 17.77 2.26 -1.49
CA SER A 259 19.06 1.74 -1.91
C SER A 259 19.87 1.12 -0.75
N ARG A 260 20.07 1.90 0.29
CA ARG A 260 20.86 1.44 1.43
C ARG A 260 20.27 0.18 2.09
N ILE A 261 18.97 0.18 2.39
CA ILE A 261 18.40 -0.96 3.10
C ILE A 261 18.31 -2.23 2.25
N LEU A 262 18.18 -2.08 0.93
CA LEU A 262 18.18 -3.25 0.04
C LEU A 262 19.46 -4.09 0.18
N ASN A 263 20.61 -3.42 0.20
CA ASN A 263 21.88 -4.08 0.51
C ASN A 263 21.98 -4.51 1.98
N GLN A 264 21.85 -3.56 2.89
CA GLN A 264 22.22 -3.81 4.28
C GLN A 264 21.24 -4.65 5.10
N ASN A 265 20.01 -4.83 4.62
CA ASN A 265 19.08 -5.73 5.32
C ASN A 265 19.65 -7.14 5.33
N TYR A 266 20.29 -7.54 4.23
CA TYR A 266 20.98 -8.82 4.23
C TYR A 266 22.32 -8.77 4.99
N ILE A 267 23.16 -7.80 4.65
CA ILE A 267 24.47 -7.67 5.30
C ILE A 267 24.36 -7.62 6.83
N ASN A 268 23.65 -6.63 7.36
CA ASN A 268 23.58 -6.45 8.80
C ASN A 268 22.60 -7.35 9.51
N GLY A 269 21.53 -7.78 8.83
CA GLY A 269 20.47 -8.50 9.50
C GLY A 269 20.07 -9.86 8.94
N ASN A 270 20.84 -10.39 7.99
CA ASN A 270 20.56 -11.69 7.40
C ASN A 270 19.18 -11.78 6.75
N MET A 271 18.57 -10.63 6.46
CA MET A 271 17.24 -10.60 5.84
C MET A 271 17.34 -10.76 4.34
N THR A 272 16.66 -11.76 3.81
CA THR A 272 16.80 -12.15 2.42
C THR A 272 15.65 -11.68 1.54
N SER A 273 14.73 -10.94 2.14
CA SER A 273 13.75 -10.19 1.36
C SER A 273 13.43 -8.86 2.04
N THR A 274 13.19 -7.83 1.24
CA THR A 274 12.69 -6.56 1.75
C THR A 274 11.47 -6.16 0.93
N ILE A 275 10.38 -5.77 1.61
CA ILE A 275 9.14 -5.40 0.92
C ILE A 275 8.76 -3.97 1.29
N ALA A 276 8.73 -3.08 0.29
CA ALA A 276 8.40 -1.67 0.51
C ALA A 276 6.91 -1.38 0.72
N TRP A 277 6.57 -0.66 1.78
CA TRP A 277 5.27 0.02 1.81
C TRP A 277 5.54 1.43 1.30
N ASN A 278 4.91 1.85 0.19
CA ASN A 278 3.94 1.06 -0.56
C ASN A 278 4.30 1.01 -2.04
N LEU A 279 3.53 0.26 -2.81
CA LEU A 279 3.82 -0.02 -4.22
C LEU A 279 3.79 1.20 -5.13
N VAL A 280 2.72 1.97 -5.05
CA VAL A 280 2.58 3.17 -5.86
C VAL A 280 1.73 4.15 -5.07
N ALA A 281 2.14 5.41 -5.01
CA ALA A 281 1.32 6.40 -4.31
C ALA A 281 0.13 6.78 -5.21
N SER A 282 -0.94 5.99 -5.11
CA SER A 282 -2.18 6.31 -5.81
C SER A 282 -3.27 6.64 -4.81
N TYR A 283 -2.96 7.59 -3.93
CA TYR A 283 -3.94 8.05 -2.95
C TYR A 283 -3.67 9.52 -2.76
N TYR A 284 -4.70 10.30 -2.44
CA TYR A 284 -4.57 11.75 -2.24
C TYR A 284 -3.36 12.10 -1.36
N GLU A 285 -2.47 12.98 -1.82
CA GLU A 285 -1.19 13.16 -1.09
C GLU A 285 -1.33 13.81 0.29
N GLU A 286 -2.48 14.43 0.54
CA GLU A 286 -2.74 15.06 1.83
C GLU A 286 -3.27 14.05 2.85
N LEU A 287 -3.46 12.80 2.39
CA LEU A 287 -3.71 11.66 3.30
C LEU A 287 -2.38 11.27 3.97
N PRO A 288 -2.44 10.56 5.12
CA PRO A 288 -1.20 10.22 5.86
C PRO A 288 -0.12 9.57 5.01
N TYR A 289 1.12 10.01 5.19
CA TYR A 289 2.27 9.46 4.47
C TYR A 289 2.16 9.63 2.96
N GLY A 290 1.65 10.78 2.53
CA GLY A 290 1.55 11.09 1.10
C GLY A 290 2.85 10.86 0.32
N ARG A 291 2.70 10.36 -0.91
CA ARG A 291 3.82 10.14 -1.82
C ARG A 291 4.92 9.21 -1.30
N SER A 292 4.55 8.21 -0.50
CA SER A 292 5.54 7.22 -0.05
C SER A 292 5.37 5.88 -0.77
N GLY A 293 5.17 5.94 -2.08
CA GLY A 293 5.18 4.77 -2.93
C GLY A 293 6.44 4.73 -3.76
N LEU A 294 6.72 3.59 -4.39
CA LEU A 294 7.91 3.48 -5.20
C LEU A 294 7.85 4.48 -6.35
N MET A 295 6.65 4.68 -6.89
CA MET A 295 6.43 5.76 -7.84
C MET A 295 5.13 6.46 -7.47
N THR A 296 4.68 7.37 -8.33
CA THR A 296 3.51 8.18 -8.01
C THR A 296 2.49 8.10 -9.14
N ALA A 297 1.24 7.83 -8.80
CA ALA A 297 0.17 7.88 -9.79
C ALA A 297 -1.11 8.35 -9.12
N GLN A 298 -1.13 9.62 -8.72
CA GLN A 298 -2.27 10.14 -7.94
C GLN A 298 -3.19 11.09 -8.72
N GLU A 299 -3.24 10.97 -10.04
CA GLU A 299 -4.11 11.82 -10.86
C GLU A 299 -4.74 11.08 -12.04
N PRO A 300 -5.73 10.23 -11.78
CA PRO A 300 -6.36 9.47 -12.88
C PRO A 300 -7.13 10.36 -13.86
N TRP A 301 -7.59 11.52 -13.39
CA TRP A 301 -8.36 12.46 -14.19
C TRP A 301 -7.49 13.21 -15.21
N SER A 302 -6.17 13.15 -15.06
CA SER A 302 -5.28 13.82 -16.01
C SER A 302 -4.36 12.82 -16.70
N GLY A 303 -4.11 11.70 -16.03
CA GLY A 303 -3.23 10.67 -16.55
C GLY A 303 -1.77 10.88 -16.16
N HIS A 304 -1.51 11.98 -15.47
CA HIS A 304 -0.15 12.30 -15.04
C HIS A 304 0.31 11.29 -14.00
N TYR A 305 1.49 10.72 -14.21
CA TYR A 305 2.15 9.90 -13.18
C TYR A 305 3.64 10.24 -13.18
N VAL A 306 4.33 9.92 -12.08
CA VAL A 306 5.77 10.19 -11.99
C VAL A 306 6.54 8.89 -11.74
N VAL A 307 7.46 8.56 -12.64
CA VAL A 307 8.34 7.40 -12.46
C VAL A 307 9.47 7.82 -11.52
N ALA A 308 9.23 7.72 -10.22
CA ALA A 308 10.14 8.25 -9.20
C ALA A 308 11.45 7.47 -9.08
N SER A 309 12.47 8.13 -8.50
CA SER A 309 13.79 7.52 -8.28
C SER A 309 13.80 6.08 -7.75
N PRO A 310 12.96 5.76 -6.73
CA PRO A 310 12.99 4.39 -6.20
C PRO A 310 12.74 3.29 -7.24
N ILE A 311 11.99 3.57 -8.30
CA ILE A 311 11.83 2.61 -9.39
C ILE A 311 13.20 2.11 -9.87
N TRP A 312 14.12 3.04 -10.09
CA TRP A 312 15.41 2.69 -10.67
C TRP A 312 16.33 2.03 -9.65
N VAL A 313 16.16 2.41 -8.39
CA VAL A 313 16.95 1.76 -7.35
C VAL A 313 16.55 0.29 -7.27
N SER A 314 15.25 0.02 -7.29
CA SER A 314 14.75 -1.34 -7.36
C SER A 314 15.41 -2.11 -8.51
N ALA A 315 15.34 -1.54 -9.70
CA ALA A 315 15.92 -2.14 -10.90
C ALA A 315 17.37 -2.63 -10.71
N HIS A 316 18.18 -1.84 -10.01
CA HIS A 316 19.58 -2.20 -9.77
C HIS A 316 19.72 -3.56 -9.10
N THR A 317 18.67 -4.03 -8.44
CA THR A 317 18.67 -5.35 -7.84
C THR A 317 17.73 -6.28 -8.60
N THR A 318 16.50 -5.83 -8.84
CA THR A 318 15.47 -6.69 -9.42
C THR A 318 15.75 -7.20 -10.85
N GLN A 319 16.30 -6.36 -11.72
CA GLN A 319 16.58 -6.79 -13.09
C GLN A 319 17.69 -7.85 -13.16
N PHE A 320 18.53 -7.88 -12.14
CA PHE A 320 19.77 -8.65 -12.18
C PHE A 320 19.86 -9.72 -11.10
N THR A 321 18.74 -9.91 -10.39
CA THR A 321 18.58 -10.99 -9.43
C THR A 321 17.20 -11.63 -9.59
N GLN A 322 17.05 -12.87 -9.13
CA GLN A 322 15.76 -13.56 -9.11
C GLN A 322 15.66 -14.43 -7.87
N PRO A 323 14.44 -14.58 -7.32
CA PRO A 323 14.24 -15.49 -6.19
C PRO A 323 14.79 -16.87 -6.51
N GLY A 324 15.58 -17.45 -5.60
CA GLY A 324 16.17 -18.74 -5.83
C GLY A 324 17.67 -18.64 -6.09
N TRP A 325 18.16 -17.44 -6.38
CA TRP A 325 19.60 -17.16 -6.44
C TRP A 325 20.17 -17.29 -5.04
N TYR A 326 21.48 -17.15 -4.90
CA TYR A 326 22.09 -17.15 -3.58
C TYR A 326 23.00 -15.94 -3.32
N TYR A 327 22.99 -15.45 -2.09
CA TYR A 327 23.97 -14.46 -1.67
C TYR A 327 25.32 -15.17 -1.51
N LEU A 328 26.41 -14.50 -1.83
CA LEU A 328 27.73 -15.05 -1.54
C LEU A 328 28.02 -14.86 -0.06
N LYS A 329 29.02 -15.56 0.46
CA LYS A 329 29.48 -15.29 1.82
C LYS A 329 30.21 -13.96 1.85
N THR A 330 30.69 -13.54 0.70
CA THR A 330 31.52 -12.34 0.61
C THR A 330 30.73 -11.06 0.32
N VAL A 331 30.14 -10.49 1.37
CA VAL A 331 29.51 -9.18 1.30
C VAL A 331 29.88 -8.42 2.56
N GLY A 332 29.79 -7.10 2.52
CA GLY A 332 30.04 -6.29 3.70
C GLY A 332 30.06 -4.80 3.44
N HIS A 333 30.60 -4.04 4.39
CA HIS A 333 30.68 -2.59 4.26
C HIS A 333 32.00 -2.13 3.62
N LEU A 334 31.95 -1.01 2.90
CA LEU A 334 33.18 -0.43 2.32
C LEU A 334 33.93 0.36 3.38
N GLU A 335 35.25 0.48 3.22
CA GLU A 335 36.11 1.12 4.21
C GLU A 335 35.67 2.55 4.56
N LYS A 336 35.37 3.35 3.53
CA LYS A 336 35.01 4.76 3.71
C LYS A 336 33.49 4.99 3.64
N GLY A 337 32.71 3.92 3.83
CA GLY A 337 31.26 4.03 3.85
C GLY A 337 30.56 3.39 2.67
N GLY A 338 29.31 2.97 2.88
CA GLY A 338 28.56 2.29 1.85
C GLY A 338 28.74 0.80 1.96
N SER A 339 28.19 0.04 1.01
CA SER A 339 28.16 -1.41 1.13
C SER A 339 28.17 -2.09 -0.22
N TYR A 340 28.43 -3.39 -0.21
CA TYR A 340 28.44 -4.18 -1.43
C TYR A 340 27.83 -5.55 -1.15
N VAL A 341 26.89 -5.98 -1.99
CA VAL A 341 26.43 -7.36 -1.96
C VAL A 341 26.73 -8.01 -3.30
N ALA A 342 26.81 -9.33 -3.29
CA ALA A 342 27.08 -10.09 -4.50
C ALA A 342 26.24 -11.37 -4.49
N LEU A 343 25.71 -11.73 -5.65
CA LEU A 343 24.88 -12.92 -5.77
C LEU A 343 25.21 -13.68 -7.05
N THR A 344 24.93 -14.98 -7.03
CA THR A 344 25.11 -15.81 -8.21
C THR A 344 23.82 -16.58 -8.38
N ASP A 345 23.80 -17.54 -9.30
CA ASP A 345 22.59 -18.34 -9.56
C ASP A 345 22.90 -19.83 -9.71
N GLY A 346 24.17 -20.20 -9.53
CA GLY A 346 24.60 -21.56 -9.77
C GLY A 346 24.74 -21.88 -11.25
N LEU A 347 24.53 -20.87 -12.10
CA LEU A 347 24.62 -21.05 -13.56
C LEU A 347 25.74 -20.19 -14.13
N GLY A 348 26.70 -19.83 -13.28
CA GLY A 348 27.85 -19.08 -13.74
C GLY A 348 27.65 -17.57 -13.83
N ASN A 349 26.42 -17.12 -13.62
CA ASN A 349 26.18 -15.69 -13.58
C ASN A 349 26.53 -15.09 -12.23
N LEU A 350 26.86 -13.80 -12.23
CA LEU A 350 27.20 -13.10 -11.01
C LEU A 350 26.66 -11.67 -11.05
N THR A 351 26.11 -11.21 -9.93
CA THR A 351 25.66 -9.82 -9.84
C THR A 351 26.31 -9.11 -8.67
N ILE A 352 26.82 -7.92 -8.92
CA ILE A 352 27.40 -7.10 -7.85
C ILE A 352 26.65 -5.77 -7.74
N ILE A 353 26.17 -5.48 -6.54
CA ILE A 353 25.43 -4.25 -6.29
C ILE A 353 26.15 -3.45 -5.21
N ILE A 354 26.54 -2.22 -5.56
CA ILE A 354 27.30 -1.38 -4.66
C ILE A 354 26.55 -0.07 -4.42
N GLU A 355 26.55 0.39 -3.17
CA GLU A 355 25.84 1.61 -2.81
C GLU A 355 26.70 2.49 -1.90
N THR A 356 26.63 3.80 -2.08
CA THR A 356 27.41 4.72 -1.25
C THR A 356 26.56 5.86 -0.66
N MET A 357 25.40 5.51 -0.13
CA MET A 357 24.43 6.52 0.31
C MET A 357 24.87 7.37 1.50
N SER A 358 24.95 8.67 1.28
CA SER A 358 25.32 9.62 2.33
C SER A 358 24.18 9.71 3.35
N HIS A 359 24.56 9.82 4.63
CA HIS A 359 23.59 9.96 5.71
C HIS A 359 22.52 11.03 5.45
N GLN A 360 22.96 12.19 4.97
CA GLN A 360 22.07 13.33 4.78
C GLN A 360 21.01 13.05 3.71
N HIS A 361 21.31 12.11 2.81
CA HIS A 361 20.45 11.83 1.66
C HIS A 361 19.89 10.41 1.63
N SER A 362 19.81 9.76 2.78
CA SER A 362 19.31 8.38 2.80
C SER A 362 18.52 8.07 4.05
N MET A 363 18.06 9.11 4.76
CA MET A 363 17.30 8.94 5.98
C MET A 363 15.95 8.31 5.65
N CYS A 364 15.65 7.19 6.31
CA CYS A 364 14.34 6.59 6.27
C CYS A 364 13.58 7.20 7.45
N ILE A 365 12.27 7.14 7.43
CA ILE A 365 11.51 7.73 8.53
C ILE A 365 11.56 6.86 9.80
N ARG A 366 11.97 5.61 9.65
CA ARG A 366 11.85 4.62 10.73
C ARG A 366 12.83 3.44 10.54
N PRO A 367 13.89 3.37 11.36
CA PRO A 367 14.29 4.34 12.39
C PRO A 367 15.24 5.38 11.79
N TYR A 368 15.47 6.48 12.51
CA TYR A 368 16.41 7.50 12.08
C TYR A 368 17.81 7.13 12.53
N LEU A 369 18.77 7.12 11.61
CA LEU A 369 20.14 6.69 11.93
C LEU A 369 21.02 7.84 12.40
N PRO A 370 21.81 7.60 13.46
CA PRO A 370 22.84 8.57 13.87
C PRO A 370 23.82 8.72 12.74
N TYR A 371 24.49 9.87 12.67
CA TYR A 371 25.40 10.16 11.58
C TYR A 371 26.43 9.05 11.32
N TYR A 372 26.72 8.85 10.03
CA TYR A 372 27.85 8.04 9.59
C TYR A 372 28.48 8.72 8.37
N ASN A 373 29.78 8.50 8.17
CA ASN A 373 30.55 9.22 7.16
C ASN A 373 30.59 8.43 5.86
N VAL A 374 30.49 9.14 4.73
CA VAL A 374 30.79 8.55 3.42
C VAL A 374 31.65 9.51 2.61
N SER A 375 32.80 9.04 2.15
CA SER A 375 33.69 9.92 1.40
C SER A 375 34.27 9.22 0.18
N HIS A 376 34.96 9.98 -0.66
CA HIS A 376 35.51 9.42 -1.88
C HIS A 376 36.44 8.26 -1.55
N GLN A 377 36.31 7.18 -2.30
CA GLN A 377 37.16 6.02 -2.10
C GLN A 377 37.33 5.22 -3.39
N LEU A 378 38.20 4.23 -3.31
CA LEU A 378 38.45 3.33 -4.41
C LEU A 378 38.21 1.93 -3.89
N ALA A 379 37.73 1.05 -4.74
CA ALA A 379 37.44 -0.32 -4.33
C ALA A 379 37.99 -1.33 -5.32
N THR A 380 38.69 -2.34 -4.82
CA THR A 380 39.25 -3.37 -5.66
C THR A 380 38.54 -4.70 -5.39
N PHE A 381 38.05 -5.34 -6.44
CA PHE A 381 37.39 -6.63 -6.28
C PHE A 381 38.17 -7.71 -7.01
N THR A 382 38.25 -8.89 -6.41
CA THR A 382 38.96 -10.02 -7.01
C THR A 382 38.07 -11.24 -7.03
N LEU A 383 37.81 -11.77 -8.23
CA LEU A 383 37.03 -12.98 -8.36
C LEU A 383 37.89 -14.20 -8.00
N LYS A 384 37.79 -14.62 -6.74
CA LYS A 384 38.43 -15.85 -6.32
C LYS A 384 37.48 -17.00 -6.62
N GLY A 385 37.88 -18.23 -6.28
CA GLY A 385 37.07 -19.40 -6.52
C GLY A 385 36.60 -19.55 -7.95
N SER A 386 35.43 -20.15 -8.13
CA SER A 386 34.89 -20.45 -9.45
C SER A 386 34.30 -19.21 -10.14
N LEU A 387 34.67 -18.03 -9.66
CA LEU A 387 34.23 -16.79 -10.28
C LEU A 387 35.30 -16.29 -11.23
N ARG A 388 36.56 -16.59 -10.92
CA ARG A 388 37.73 -16.15 -11.70
C ARG A 388 37.59 -16.37 -13.20
N GLU A 389 36.85 -17.42 -13.58
CA GLU A 389 36.69 -17.81 -14.98
C GLU A 389 35.78 -16.86 -15.78
N ILE A 390 35.31 -15.80 -15.15
CA ILE A 390 34.49 -14.78 -15.80
C ILE A 390 35.38 -13.68 -16.37
N GLN A 391 35.04 -13.17 -17.55
CA GLN A 391 35.90 -12.22 -18.25
C GLN A 391 35.27 -10.84 -18.47
N GLU A 392 33.96 -10.76 -18.29
CA GLU A 392 33.20 -9.62 -18.78
C GLU A 392 31.98 -9.30 -17.88
N LEU A 393 31.73 -8.01 -17.69
CA LEU A 393 30.67 -7.53 -16.79
C LEU A 393 29.95 -6.36 -17.42
N GLN A 394 28.62 -6.42 -17.43
CA GLN A 394 27.81 -5.27 -17.80
C GLN A 394 27.76 -4.28 -16.64
N VAL A 395 27.68 -3.00 -16.96
CA VAL A 395 27.77 -1.95 -15.95
C VAL A 395 26.58 -0.99 -15.97
N TRP A 396 25.85 -0.93 -14.85
CA TRP A 396 24.72 -0.02 -14.72
C TRP A 396 24.97 1.00 -13.61
N TYR A 397 24.67 2.26 -13.89
CA TYR A 397 25.06 3.33 -12.99
C TYR A 397 23.90 4.26 -12.66
N THR A 398 23.82 4.65 -11.39
CA THR A 398 22.82 5.62 -10.94
C THR A 398 23.46 6.61 -9.99
N LYS A 399 23.09 7.88 -10.12
CA LYS A 399 23.62 8.95 -9.28
C LYS A 399 22.47 9.77 -8.75
N LEU A 400 22.27 9.75 -7.43
CA LEU A 400 21.13 10.43 -6.81
C LEU A 400 21.48 11.84 -6.33
N GLY A 401 20.49 12.74 -6.33
CA GLY A 401 20.72 14.13 -5.95
C GLY A 401 20.64 15.10 -7.13
N ARG A 406 21.00 14.83 -11.39
CA ARG A 406 20.84 13.39 -11.20
C ARG A 406 20.80 12.59 -12.52
N LEU A 407 21.32 11.35 -12.47
CA LEU A 407 21.35 10.41 -13.59
C LEU A 407 20.77 9.09 -13.13
N HIS A 408 19.86 8.49 -13.90
CA HIS A 408 19.15 7.30 -13.42
C HIS A 408 19.30 6.06 -14.32
N PHE A 409 19.76 4.96 -13.71
CA PHE A 409 19.85 3.64 -14.36
C PHE A 409 20.46 3.68 -15.77
N LYS A 410 21.62 4.34 -15.89
CA LYS A 410 22.29 4.49 -17.19
C LYS A 410 23.32 3.37 -17.39
N GLN A 411 23.28 2.72 -18.55
CA GLN A 411 24.24 1.66 -18.83
C GLN A 411 25.56 2.28 -19.28
N LEU A 412 26.64 1.87 -18.63
CA LEU A 412 27.97 2.38 -18.94
C LEU A 412 28.74 1.35 -19.74
N ASP A 413 29.92 1.73 -20.21
CA ASP A 413 30.72 0.85 -21.04
C ASP A 413 31.08 -0.41 -20.28
N THR A 414 30.98 -1.53 -20.96
CA THR A 414 31.30 -2.84 -20.40
C THR A 414 32.65 -2.85 -19.71
N LEU A 415 32.75 -3.58 -18.60
CA LEU A 415 34.05 -3.82 -17.97
C LEU A 415 34.64 -5.15 -18.39
N TRP A 416 35.72 -5.06 -19.16
CA TRP A 416 36.49 -6.23 -19.55
C TRP A 416 37.58 -6.44 -18.52
N LEU A 417 37.69 -7.67 -18.05
CA LEU A 417 38.72 -7.99 -17.09
C LEU A 417 40.07 -7.97 -17.79
N LEU A 418 40.06 -8.41 -19.05
CA LEU A 418 41.19 -8.23 -19.97
C LEU A 418 42.53 -8.81 -19.49
N ASP A 419 42.53 -9.36 -18.28
CA ASP A 419 43.71 -9.98 -17.71
C ASP A 419 43.54 -11.49 -17.76
N GLY A 420 44.23 -12.17 -16.85
CA GLY A 420 43.93 -13.55 -16.48
C GLY A 420 43.81 -13.49 -14.97
N SER A 421 43.82 -12.26 -14.47
CA SER A 421 43.80 -11.95 -13.05
C SER A 421 42.47 -12.34 -12.41
N GLY A 422 41.39 -11.77 -12.90
CA GLY A 422 40.09 -11.96 -12.28
C GLY A 422 39.89 -10.88 -11.23
N SER A 423 40.45 -9.71 -11.52
CA SER A 423 40.37 -8.58 -10.60
C SER A 423 40.10 -7.26 -11.32
N PHE A 424 39.49 -6.32 -10.60
CA PHE A 424 39.14 -5.00 -11.14
C PHE A 424 38.95 -3.95 -10.04
N THR A 425 38.97 -2.68 -10.43
CA THR A 425 38.95 -1.58 -9.47
C THR A 425 37.96 -0.49 -9.89
N LEU A 426 37.37 0.19 -8.92
CA LEU A 426 36.39 1.25 -9.18
C LEU A 426 36.62 2.49 -8.32
N GLU A 427 36.26 3.65 -8.88
CA GLU A 427 36.25 4.90 -8.11
C GLU A 427 34.82 5.18 -7.68
N LEU A 428 34.60 5.27 -6.37
CA LEU A 428 33.26 5.47 -5.85
C LEU A 428 33.15 6.80 -5.13
N GLU A 429 32.18 7.62 -5.53
CA GLU A 429 31.90 8.85 -4.82
C GLU A 429 30.67 8.61 -3.96
N GLU A 430 30.01 9.69 -3.53
CA GLU A 430 28.88 9.55 -2.62
C GLU A 430 27.55 9.46 -3.38
N ASP A 431 26.57 8.82 -2.75
CA ASP A 431 25.23 8.67 -3.30
C ASP A 431 25.18 7.96 -4.65
N GLU A 432 25.95 6.89 -4.81
CA GLU A 432 25.98 6.16 -6.07
C GLU A 432 25.57 4.70 -5.95
N ILE A 433 25.00 4.16 -7.02
CA ILE A 433 24.74 2.73 -7.10
C ILE A 433 25.38 2.18 -8.35
N PHE A 434 26.04 1.04 -8.23
CA PHE A 434 26.62 0.37 -9.37
C PHE A 434 26.13 -1.06 -9.38
N THR A 435 25.58 -1.50 -10.50
CA THR A 435 25.32 -2.92 -10.65
C THR A 435 26.23 -3.49 -11.71
N LEU A 436 26.97 -4.52 -11.33
CA LEU A 436 27.90 -5.17 -12.23
C LEU A 436 27.43 -6.62 -12.34
N THR A 437 27.16 -7.05 -13.57
CA THR A 437 26.59 -8.36 -13.75
C THR A 437 26.97 -8.97 -15.08
N THR A 438 27.01 -10.29 -15.12
CA THR A 438 27.19 -11.03 -16.35
C THR A 438 25.96 -10.91 -17.25
N LEU A 439 24.82 -10.59 -16.65
CA LEU A 439 23.54 -10.52 -17.37
C LEU A 439 23.45 -9.37 -18.36
N THR A 440 22.86 -9.66 -19.52
CA THR A 440 22.77 -8.75 -20.65
C THR A 440 21.35 -8.23 -20.87
N THR A 441 20.43 -8.67 -19.99
CA THR A 441 19.01 -8.45 -20.19
C THR A 441 18.52 -7.09 -19.70
N GLY A 442 19.42 -6.32 -19.11
CA GLY A 442 19.02 -5.06 -18.48
C GLY A 442 18.51 -4.02 -19.45
N ARG A 443 17.56 -3.21 -18.99
CA ARG A 443 17.00 -2.16 -19.83
C ARG A 443 16.31 -1.09 -19.01
N LYS A 444 16.65 0.17 -19.28
CA LYS A 444 15.89 1.25 -18.68
C LYS A 444 14.64 1.47 -19.51
N GLY A 445 13.57 0.78 -19.14
CA GLY A 445 12.32 0.85 -19.88
C GLY A 445 11.81 2.26 -19.98
N SER A 446 11.19 2.58 -21.10
CA SER A 446 10.78 3.95 -21.36
C SER A 446 9.48 3.99 -22.17
N TYR A 447 8.55 4.81 -21.69
CA TYR A 447 7.36 5.19 -22.44
C TYR A 447 7.45 6.70 -22.55
N PRO A 448 6.78 7.27 -23.56
CA PRO A 448 6.72 8.72 -23.70
C PRO A 448 6.26 9.40 -22.41
N PRO A 449 6.61 10.68 -22.22
CA PRO A 449 6.16 11.41 -21.03
C PRO A 449 4.64 11.51 -21.04
N PRO A 450 3.99 11.43 -19.87
CA PRO A 450 2.54 11.52 -19.68
C PRO A 450 2.13 12.97 -19.38
N PRO A 451 0.84 13.31 -19.56
CA PRO A 451 0.31 14.67 -19.42
C PRO A 451 0.77 15.42 -18.15
N SER A 452 0.87 16.75 -18.26
CA SER A 452 1.19 17.59 -17.10
C SER A 452 0.18 17.39 -15.98
N SER A 453 0.62 17.60 -14.74
CA SER A 453 -0.30 17.56 -13.59
C SER A 453 -1.34 18.66 -13.70
N LYS A 454 -2.58 18.32 -13.36
CA LYS A 454 -3.67 19.27 -13.34
C LYS A 454 -4.47 19.05 -12.07
N PRO A 455 -4.98 20.14 -11.48
CA PRO A 455 -5.76 19.96 -10.24
C PRO A 455 -7.02 19.12 -10.51
N PHE A 456 -7.67 18.63 -9.46
CA PHE A 456 -8.90 17.88 -9.62
C PHE A 456 -9.94 18.81 -10.28
N PRO A 457 -10.67 18.29 -11.28
CA PRO A 457 -11.73 19.04 -11.99
C PRO A 457 -12.59 19.91 -11.06
N THR A 458 -12.70 21.20 -11.41
CA THR A 458 -13.43 22.19 -10.60
C THR A 458 -14.94 22.09 -10.82
N ASN A 459 -15.32 21.29 -11.81
CA ASN A 459 -16.69 20.84 -11.97
C ASN A 459 -16.68 19.34 -12.19
N TYR A 460 -17.40 18.63 -11.34
CA TYR A 460 -17.34 17.18 -11.33
C TYR A 460 -18.71 16.64 -10.92
N LYS A 461 -19.12 15.56 -11.59
CA LYS A 461 -20.39 14.92 -11.28
C LYS A 461 -20.25 13.44 -11.58
N ASP A 462 -20.99 12.64 -10.81
CA ASP A 462 -21.11 11.21 -11.06
C ASP A 462 -22.54 10.86 -10.69
N ASP A 463 -23.27 10.30 -11.64
CA ASP A 463 -24.64 9.87 -11.38
C ASP A 463 -24.71 8.39 -11.03
N PHE A 464 -23.54 7.74 -10.98
CA PHE A 464 -23.45 6.31 -10.65
C PHE A 464 -24.27 5.41 -11.57
N ASN A 465 -24.69 5.94 -12.72
CA ASN A 465 -25.46 5.15 -13.67
C ASN A 465 -24.56 4.25 -14.50
N VAL A 466 -24.13 3.16 -13.88
CA VAL A 466 -23.25 2.19 -14.51
C VAL A 466 -23.84 0.83 -14.16
N GLU A 467 -24.17 0.05 -15.17
CA GLU A 467 -24.95 -1.17 -14.93
C GLU A 467 -24.08 -2.37 -14.63
N TYR A 468 -22.99 -2.48 -15.36
CA TYR A 468 -22.01 -3.54 -15.12
C TYR A 468 -20.63 -2.95 -14.80
N PRO A 469 -20.47 -2.39 -13.59
CA PRO A 469 -19.21 -1.73 -13.26
C PRO A 469 -18.02 -2.69 -13.25
N LEU A 470 -16.88 -2.21 -13.74
CA LEU A 470 -15.65 -3.00 -13.71
C LEU A 470 -15.12 -3.13 -12.28
N PHE A 471 -15.23 -2.04 -11.50
CA PHE A 471 -14.90 -2.10 -10.06
C PHE A 471 -16.10 -1.82 -9.19
N SER A 472 -16.05 -2.28 -7.95
CA SER A 472 -17.21 -2.27 -7.04
C SER A 472 -17.60 -0.88 -6.50
N GLU A 473 -16.71 0.10 -6.64
CA GLU A 473 -17.01 1.47 -6.20
C GLU A 473 -16.73 2.51 -7.29
N ALA A 474 -17.47 3.62 -7.27
CA ALA A 474 -17.27 4.71 -8.21
C ALA A 474 -15.85 5.30 -8.06
N PRO A 475 -15.29 5.82 -9.16
CA PRO A 475 -13.94 6.38 -9.16
C PRO A 475 -13.78 7.56 -8.21
N ASN A 476 -12.57 7.71 -7.66
CA ASN A 476 -12.20 8.89 -6.90
C ASN A 476 -12.83 9.06 -5.52
N PHE A 477 -13.88 8.29 -5.21
CA PHE A 477 -14.36 8.27 -3.85
C PHE A 477 -13.47 7.37 -3.03
N ALA A 478 -12.70 7.98 -2.13
CA ALA A 478 -11.83 7.25 -1.20
C ALA A 478 -12.49 7.11 0.16
N ASP A 479 -13.04 5.92 0.46
CA ASP A 479 -13.68 5.69 1.75
C ASP A 479 -12.68 5.79 2.91
N GLN A 480 -13.05 6.50 3.98
CA GLN A 480 -12.16 6.67 5.14
C GLN A 480 -12.72 6.03 6.41
N THR A 481 -14.03 5.81 6.45
CA THR A 481 -14.65 4.92 7.44
C THR A 481 -15.92 4.39 6.77
N GLY A 482 -16.18 3.10 6.93
CA GLY A 482 -17.26 2.47 6.20
C GLY A 482 -16.82 2.11 4.78
N VAL A 483 -17.76 1.55 4.00
CA VAL A 483 -17.46 1.07 2.65
C VAL A 483 -18.63 1.43 1.74
N PHE A 484 -18.35 2.08 0.61
CA PHE A 484 -19.40 2.56 -0.30
C PHE A 484 -19.30 1.84 -1.64
N GLU A 485 -20.43 1.33 -2.15
CA GLU A 485 -20.41 0.49 -3.35
C GLU A 485 -21.50 0.90 -4.35
N TYR A 486 -21.27 0.62 -5.64
CA TYR A 486 -22.32 0.76 -6.65
C TYR A 486 -23.47 -0.12 -6.18
N TYR A 487 -24.69 0.39 -6.31
CA TYR A 487 -25.86 -0.38 -5.89
C TYR A 487 -26.99 -0.26 -6.93
N MET A 488 -27.53 -1.40 -7.36
CA MET A 488 -28.65 -1.38 -8.30
C MET A 488 -29.93 -1.70 -7.55
N ASN A 489 -30.94 -0.85 -7.71
CA ASN A 489 -32.22 -1.08 -7.08
C ASN A 489 -33.32 -1.08 -8.12
N ASN A 490 -33.64 -2.26 -8.66
CA ASN A 490 -34.65 -2.40 -9.72
C ASN A 490 -36.02 -1.85 -9.34
N GLU A 491 -36.35 -1.93 -8.06
CA GLU A 491 -37.67 -1.53 -7.56
C GLU A 491 -37.85 0.00 -7.44
N ASP A 492 -36.95 0.74 -8.09
CA ASP A 492 -37.10 2.18 -8.25
C ASP A 492 -36.61 2.54 -9.65
N ARG A 493 -37.35 3.41 -10.33
CA ARG A 493 -36.95 3.89 -11.65
C ARG A 493 -36.12 5.17 -11.57
N GLU A 494 -36.47 6.08 -10.66
CA GLU A 494 -35.75 7.35 -10.56
C GLU A 494 -34.37 7.23 -9.88
N HIS A 495 -34.21 6.22 -9.04
CA HIS A 495 -32.94 5.98 -8.35
C HIS A 495 -32.54 4.52 -8.48
N ARG A 496 -32.41 4.05 -9.72
CA ARG A 496 -32.12 2.64 -9.97
C ARG A 496 -30.65 2.32 -9.70
N PHE A 497 -29.79 3.28 -10.00
CA PHE A 497 -28.35 3.09 -9.83
C PHE A 497 -27.80 4.11 -8.86
N THR A 498 -27.40 3.67 -7.68
CA THR A 498 -26.96 4.59 -6.65
C THR A 498 -25.62 4.15 -6.05
N LEU A 499 -25.15 4.91 -5.07
CA LEU A 499 -23.99 4.55 -4.27
C LEU A 499 -24.48 4.30 -2.84
N ARG A 500 -24.16 3.13 -2.29
CA ARG A 500 -24.65 2.72 -0.98
C ARG A 500 -23.50 2.45 0.02
N GLN A 501 -23.63 2.95 1.25
CA GLN A 501 -22.70 2.57 2.31
C GLN A 501 -23.25 1.28 2.85
N VAL A 502 -22.41 0.24 2.86
CA VAL A 502 -22.89 -1.12 3.11
C VAL A 502 -22.52 -1.72 4.47
N LEU A 503 -21.67 -1.07 5.28
CA LEU A 503 -21.40 -1.63 6.61
C LEU A 503 -22.55 -1.39 7.58
N ASN A 504 -23.00 -2.45 8.25
CA ASN A 504 -24.01 -2.30 9.28
C ASN A 504 -23.44 -2.51 10.69
N GLN A 505 -22.12 -2.63 10.81
CA GLN A 505 -21.48 -2.65 12.15
C GLN A 505 -19.99 -2.31 12.09
N ARG A 506 -19.48 -1.74 13.17
CA ARG A 506 -18.07 -1.36 13.24
C ARG A 506 -17.17 -2.59 12.99
N PRO A 507 -16.13 -2.45 12.14
CA PRO A 507 -15.18 -3.56 11.97
C PRO A 507 -14.36 -3.86 13.25
N ILE A 508 -13.67 -4.99 13.28
CA ILE A 508 -12.54 -5.18 14.19
C ILE A 508 -11.45 -4.27 13.65
N THR A 509 -11.33 -3.11 14.27
CA THR A 509 -10.59 -1.99 13.66
C THR A 509 -9.10 -2.21 13.84
N TRP A 510 -8.31 -1.65 12.94
CA TRP A 510 -6.86 -1.65 13.06
C TRP A 510 -6.49 -0.25 13.53
N ALA A 511 -7.09 0.74 12.88
CA ALA A 511 -6.87 2.14 13.21
C ALA A 511 -8.05 2.63 14.02
N ALA A 512 -8.09 3.93 14.29
CA ALA A 512 -9.22 4.50 15.01
C ALA A 512 -10.25 5.06 14.03
N ASP A 513 -11.06 4.16 13.46
CA ASP A 513 -12.12 4.58 12.54
C ASP A 513 -13.04 5.60 13.24
N ALA A 514 -13.61 6.52 12.46
CA ALA A 514 -14.60 7.46 13.00
C ALA A 514 -15.82 6.69 13.44
N SER A 515 -16.72 7.36 14.17
CA SER A 515 -17.99 6.76 14.58
C SER A 515 -19.02 6.88 13.48
N SER A 516 -18.73 7.74 12.52
CA SER A 516 -19.57 7.96 11.34
C SER A 516 -18.83 7.50 10.10
N THR A 517 -19.56 7.03 9.08
CA THR A 517 -18.91 6.63 7.83
C THR A 517 -18.65 7.87 6.97
N ILE A 518 -17.65 7.78 6.11
CA ILE A 518 -17.28 8.93 5.28
C ILE A 518 -16.40 8.53 4.12
N SER A 519 -16.65 9.13 2.95
CA SER A 519 -15.82 8.97 1.78
C SER A 519 -15.46 10.37 1.31
N VAL A 520 -14.19 10.60 0.99
CA VAL A 520 -13.76 11.92 0.53
C VAL A 520 -13.37 11.89 -0.94
N ILE A 521 -13.43 13.06 -1.57
CA ILE A 521 -13.20 13.18 -3.01
C ILE A 521 -12.79 14.59 -3.39
N GLY A 522 -11.95 14.73 -4.42
CA GLY A 522 -11.66 16.03 -4.99
C GLY A 522 -10.25 16.55 -4.77
N ASP A 523 -10.19 17.82 -4.37
CA ASP A 523 -8.92 18.53 -4.18
C ASP A 523 -8.87 19.17 -2.80
N HIS A 524 -7.92 18.71 -1.97
CA HIS A 524 -7.73 19.20 -0.60
C HIS A 524 -7.46 20.72 -0.54
N HIS A 525 -7.05 21.31 -1.66
CA HIS A 525 -6.82 22.75 -1.73
C HIS A 525 -8.11 23.56 -1.88
N TRP A 526 -9.21 22.90 -2.24
CA TRP A 526 -10.49 23.59 -2.40
C TRP A 526 -10.83 24.38 -1.14
N THR A 527 -11.31 25.61 -1.32
CA THR A 527 -11.65 26.44 -0.16
C THR A 527 -13.05 27.02 -0.30
N ASN A 528 -13.45 27.36 -1.52
CA ASN A 528 -14.83 27.73 -1.80
C ASN A 528 -15.49 26.66 -2.65
N MET A 529 -16.61 26.13 -2.19
CA MET A 529 -17.22 25.03 -2.91
C MET A 529 -18.70 24.87 -2.66
N THR A 530 -19.38 24.33 -3.67
CA THR A 530 -20.77 23.94 -3.54
C THR A 530 -20.87 22.43 -3.80
N VAL A 531 -21.41 21.72 -2.83
CA VAL A 531 -21.56 20.28 -2.96
C VAL A 531 -23.03 19.93 -2.96
N GLN A 532 -23.43 19.05 -3.89
CA GLN A 532 -24.83 18.62 -3.96
C GLN A 532 -24.91 17.11 -4.11
N CYS A 533 -25.95 16.52 -3.52
CA CYS A 533 -26.16 15.07 -3.60
C CYS A 533 -27.59 14.71 -3.18
N ASP A 534 -28.14 13.69 -3.84
CA ASP A 534 -29.39 13.10 -3.38
C ASP A 534 -29.04 12.09 -2.30
N VAL A 535 -29.71 12.17 -1.16
CA VAL A 535 -29.42 11.26 -0.05
C VAL A 535 -30.67 10.47 0.35
N TYR A 536 -30.47 9.31 0.97
CA TYR A 536 -31.56 8.38 1.31
C TYR A 536 -31.21 7.58 2.58
N ILE A 537 -31.99 7.80 3.64
CA ILE A 537 -31.76 7.18 4.94
C ILE A 537 -32.57 5.87 5.06
N GLU A 538 -31.89 4.76 5.34
CA GLU A 538 -32.61 3.47 5.37
C GLU A 538 -33.18 3.06 6.74
N THR A 539 -32.64 3.65 7.81
CA THR A 539 -33.00 3.24 9.17
C THR A 539 -34.00 4.22 9.81
N PRO A 540 -35.20 3.72 10.15
CA PRO A 540 -36.27 4.58 10.69
C PRO A 540 -35.88 5.23 12.01
N ARG A 541 -36.33 6.48 12.21
CA ARG A 541 -36.16 7.19 13.48
C ARG A 541 -34.71 7.56 13.85
N SER A 542 -33.79 6.59 13.74
CA SER A 542 -32.42 6.79 14.22
C SER A 542 -31.41 7.20 13.15
N GLY A 543 -31.79 7.07 11.87
CA GLY A 543 -30.86 7.27 10.78
C GLY A 543 -30.41 8.70 10.50
N GLY A 544 -29.21 8.83 9.94
CA GLY A 544 -28.67 10.13 9.61
C GLY A 544 -27.61 10.10 8.51
N VAL A 545 -27.59 11.14 7.69
CA VAL A 545 -26.58 11.28 6.65
C VAL A 545 -26.06 12.70 6.60
N PHE A 546 -24.98 12.92 5.87
CA PHE A 546 -24.42 14.25 5.70
C PHE A 546 -23.73 14.40 4.36
N ILE A 547 -23.53 15.65 3.97
CA ILE A 547 -22.58 16.00 2.94
C ILE A 547 -21.64 17.04 3.57
N ALA A 548 -20.42 17.14 3.06
CA ALA A 548 -19.45 18.03 3.70
C ALA A 548 -18.48 18.67 2.71
N GLY A 549 -17.83 19.74 3.16
CA GLY A 549 -16.79 20.42 2.39
C GLY A 549 -15.68 20.89 3.32
N ARG A 550 -14.53 21.26 2.73
CA ARG A 550 -13.34 21.60 3.51
C ARG A 550 -12.94 20.50 4.50
N VAL A 551 -13.11 19.24 4.12
CA VAL A 551 -12.69 18.14 5.00
C VAL A 551 -11.16 17.97 4.91
N ASN A 552 -10.47 18.16 6.04
CA ASN A 552 -9.02 18.43 6.00
C ASN A 552 -8.09 17.25 6.30
N LYS A 553 -8.62 16.21 6.94
CA LYS A 553 -7.82 15.07 7.34
C LYS A 553 -8.58 13.80 7.03
N GLY A 554 -7.87 12.72 6.74
CA GLY A 554 -8.47 11.40 6.65
C GLY A 554 -7.45 10.34 6.99
N GLY A 555 -7.71 9.11 6.58
CA GLY A 555 -6.76 8.04 6.84
C GLY A 555 -6.73 7.67 8.32
N ILE A 556 -5.55 7.46 8.88
CA ILE A 556 -5.49 7.12 10.29
C ILE A 556 -5.92 8.30 11.16
N LEU A 557 -5.96 9.51 10.60
CA LEU A 557 -6.42 10.68 11.34
C LEU A 557 -7.87 11.08 11.06
N ILE A 558 -8.68 10.17 10.52
CA ILE A 558 -10.04 10.53 10.08
C ILE A 558 -10.95 11.03 11.22
N ARG A 559 -10.72 10.57 12.44
CA ARG A 559 -11.46 11.04 13.62
C ARG A 559 -11.20 12.51 13.92
N SER A 560 -10.11 13.03 13.37
CA SER A 560 -9.70 14.41 13.60
C SER A 560 -10.26 15.39 12.57
N ALA A 561 -11.01 14.88 11.59
CA ALA A 561 -11.37 15.70 10.45
C ALA A 561 -12.24 16.89 10.85
N THR A 562 -11.82 18.09 10.46
CA THR A 562 -12.69 19.24 10.58
C THR A 562 -13.15 19.64 9.19
N GLY A 563 -14.07 20.60 9.15
CA GLY A 563 -14.65 21.07 7.91
C GLY A 563 -16.02 21.69 8.15
N VAL A 564 -16.91 21.59 7.16
CA VAL A 564 -18.31 21.99 7.37
C VAL A 564 -19.20 20.79 7.06
N PHE A 565 -19.95 20.33 8.07
CA PHE A 565 -20.74 19.13 7.90
C PHE A 565 -22.24 19.40 8.02
N PHE A 566 -22.98 19.11 6.93
CA PHE A 566 -24.42 19.32 6.87
C PHE A 566 -25.16 18.00 7.09
N TRP A 567 -25.68 17.79 8.30
CA TRP A 567 -26.33 16.52 8.67
C TRP A 567 -27.84 16.60 8.56
N ILE A 568 -28.48 15.52 8.13
CA ILE A 568 -29.93 15.39 8.31
C ILE A 568 -30.29 14.06 8.96
N PHE A 569 -31.32 14.09 9.81
CA PHE A 569 -31.68 12.92 10.60
C PHE A 569 -33.12 12.49 10.35
N ALA A 570 -33.39 11.20 10.49
CA ALA A 570 -34.72 10.64 10.26
C ALA A 570 -35.75 11.02 11.33
N ASN A 571 -35.30 11.70 12.39
CA ASN A 571 -36.22 12.17 13.42
C ASN A 571 -36.73 13.59 13.14
N GLY A 572 -36.40 14.11 11.96
CA GLY A 572 -36.83 15.44 11.57
C GLY A 572 -35.97 16.56 12.10
N SER A 573 -34.65 16.40 11.99
CA SER A 573 -33.73 17.43 12.48
C SER A 573 -32.52 17.58 11.56
N TYR A 574 -31.83 18.71 11.69
CA TYR A 574 -30.55 18.92 11.01
C TYR A 574 -29.53 19.50 11.97
N ARG A 575 -28.25 19.42 11.59
CA ARG A 575 -27.17 20.03 12.34
C ARG A 575 -26.08 20.42 11.37
N VAL A 576 -25.43 21.55 11.65
CA VAL A 576 -24.21 21.90 10.92
C VAL A 576 -23.06 21.90 11.92
N THR A 577 -22.01 21.14 11.61
CA THR A 577 -20.89 21.04 12.54
C THR A 577 -19.54 21.39 11.90
N ALA A 578 -18.58 21.72 12.74
CA ALA A 578 -17.22 22.02 12.32
C ALA A 578 -16.36 20.75 12.27
N ASP A 579 -16.86 19.67 12.84
CA ASP A 579 -16.08 18.44 12.98
C ASP A 579 -16.91 17.20 12.67
N LEU A 580 -16.23 16.15 12.19
CA LEU A 580 -16.90 14.88 11.89
C LEU A 580 -17.47 14.24 13.14
N GLY A 581 -16.84 14.48 14.30
CA GLY A 581 -17.35 13.94 15.56
C GLY A 581 -18.56 14.70 16.06
N GLY A 582 -18.91 15.80 15.40
CA GLY A 582 -20.10 16.57 15.75
C GLY A 582 -20.14 17.19 17.14
N TRP A 583 -18.98 17.54 17.69
CA TRP A 583 -18.93 18.21 19.00
C TRP A 583 -19.14 19.71 18.88
N ILE A 584 -18.73 20.30 17.76
CA ILE A 584 -18.74 21.75 17.58
C ILE A 584 -19.85 22.24 16.63
N THR A 585 -20.91 22.82 17.19
CA THR A 585 -22.09 23.24 16.43
C THR A 585 -21.97 24.62 15.77
N TYR A 586 -22.22 24.67 14.46
CA TYR A 586 -22.29 25.93 13.73
C TYR A 586 -23.76 26.37 13.65
N ALA A 587 -24.64 25.40 13.46
CA ALA A 587 -26.08 25.62 13.41
C ALA A 587 -26.84 24.31 13.60
N SER A 588 -28.05 24.41 14.15
CA SER A 588 -28.90 23.24 14.30
C SER A 588 -30.37 23.65 14.27
N GLY A 589 -31.26 22.69 14.04
CA GLY A 589 -32.68 22.97 14.00
C GLY A 589 -33.54 21.83 13.50
N HIS A 590 -34.78 22.16 13.17
CA HIS A 590 -35.74 21.17 12.68
C HIS A 590 -35.82 21.19 11.15
N ALA A 591 -36.28 20.07 10.60
CA ALA A 591 -36.44 19.93 9.16
C ALA A 591 -37.40 18.78 8.87
N ASP A 592 -38.12 18.89 7.75
CA ASP A 592 -39.06 17.86 7.34
C ASP A 592 -38.32 16.69 6.69
N VAL A 593 -37.78 15.80 7.54
CA VAL A 593 -36.97 14.69 7.07
C VAL A 593 -37.38 13.40 7.77
N THR A 594 -37.58 12.34 6.99
CA THR A 594 -37.91 11.02 7.52
C THR A 594 -37.02 9.96 6.87
N ALA A 595 -37.16 8.69 7.28
CA ALA A 595 -36.41 7.59 6.65
C ALA A 595 -37.11 7.14 5.36
N LYS A 596 -36.33 6.55 4.45
CA LYS A 596 -36.85 5.99 3.21
C LYS A 596 -37.54 7.02 2.33
N ARG A 597 -36.95 8.21 2.26
CA ARG A 597 -37.41 9.24 1.34
C ARG A 597 -36.19 9.92 0.72
N TRP A 598 -36.22 10.10 -0.60
CA TRP A 598 -35.13 10.76 -1.31
C TRP A 598 -35.12 12.29 -1.15
N TYR A 599 -34.01 12.84 -0.67
CA TYR A 599 -33.89 14.30 -0.55
C TYR A 599 -32.68 14.81 -1.33
N THR A 600 -32.79 16.00 -1.92
CA THR A 600 -31.60 16.64 -2.48
C THR A 600 -30.97 17.60 -1.47
N LEU A 601 -29.71 17.35 -1.13
CA LEU A 601 -28.97 18.23 -0.23
C LEU A 601 -27.97 19.12 -0.98
N THR A 602 -27.98 20.41 -0.67
CA THR A 602 -26.98 21.32 -1.20
C THR A 602 -26.24 22.03 -0.06
N LEU A 603 -24.92 22.13 -0.19
CA LEU A 603 -24.08 22.79 0.81
C LEU A 603 -23.18 23.79 0.10
N GLY A 604 -23.33 25.07 0.43
CA GLY A 604 -22.50 26.11 -0.17
C GLY A 604 -21.54 26.70 0.84
N ILE A 605 -20.25 26.72 0.49
CA ILE A 605 -19.27 27.28 1.40
C ILE A 605 -18.45 28.35 0.67
N LYS A 606 -18.43 29.55 1.24
CA LYS A 606 -17.71 30.68 0.64
C LYS A 606 -17.16 31.62 1.73
N GLY A 607 -15.84 31.76 1.78
CA GLY A 607 -15.20 32.56 2.81
C GLY A 607 -15.60 32.14 4.22
N TYR A 608 -16.12 33.10 4.99
CA TYR A 608 -16.55 32.89 6.37
C TYR A 608 -17.93 32.26 6.48
N PHE A 609 -18.62 32.09 5.36
CA PHE A 609 -20.05 31.78 5.42
C PHE A 609 -20.53 30.52 4.69
N ALA A 610 -21.52 29.87 5.29
CA ALA A 610 -22.14 28.70 4.70
C ALA A 610 -23.66 28.83 4.59
N PHE A 611 -24.24 28.00 3.72
CA PHE A 611 -25.69 27.88 3.61
C PHE A 611 -26.00 26.46 3.18
N GLY A 612 -27.16 25.94 3.58
CA GLY A 612 -27.58 24.62 3.16
C GLY A 612 -28.98 24.66 2.56
N MET A 613 -29.20 23.85 1.52
CA MET A 613 -30.54 23.73 0.96
C MET A 613 -31.08 22.31 1.08
N LEU A 614 -32.40 22.21 1.25
CA LEU A 614 -33.13 20.95 1.23
C LEU A 614 -34.12 21.02 0.08
N ASN A 615 -33.99 20.10 -0.88
CA ASN A 615 -34.82 20.10 -2.08
C ASN A 615 -34.85 21.45 -2.83
N GLY A 616 -33.72 22.13 -2.88
CA GLY A 616 -33.64 23.39 -3.60
C GLY A 616 -34.15 24.58 -2.81
N THR A 617 -34.64 24.34 -1.61
CA THR A 617 -35.12 25.41 -0.73
C THR A 617 -34.17 25.63 0.44
N ILE A 618 -33.82 26.90 0.70
CA ILE A 618 -32.93 27.27 1.81
C ILE A 618 -33.40 26.77 3.17
N LEU A 619 -32.53 26.04 3.86
CA LEU A 619 -32.83 25.57 5.21
C LEU A 619 -32.12 26.46 6.23
N TRP A 620 -30.88 26.82 5.91
CA TRP A 620 -30.08 27.74 6.72
C TRP A 620 -29.13 28.53 5.80
N LYS A 621 -28.81 29.77 6.18
CA LYS A 621 -28.05 30.68 5.31
C LYS A 621 -27.17 31.63 6.11
N ASN A 622 -26.11 32.14 5.48
CA ASN A 622 -25.13 32.98 6.17
C ASN A 622 -24.71 32.52 7.57
N VAL A 623 -24.46 31.22 7.70
CA VAL A 623 -23.91 30.68 8.94
C VAL A 623 -22.38 30.80 8.92
N ARG A 624 -21.82 31.36 9.99
CA ARG A 624 -20.38 31.56 10.08
C ARG A 624 -19.62 30.24 10.23
N VAL A 625 -18.63 30.03 9.38
CA VAL A 625 -17.71 28.88 9.52
C VAL A 625 -16.31 29.42 9.75
N LYS A 626 -15.40 28.57 10.21
CA LYS A 626 -14.01 29.02 10.34
C LYS A 626 -13.41 29.29 8.98
N TYR A 627 -12.62 30.36 8.90
CA TYR A 627 -11.93 30.74 7.68
C TYR A 627 -10.61 31.40 8.07
N PRO A 628 -9.53 31.15 7.29
CA PRO A 628 -9.47 30.26 6.12
C PRO A 628 -9.54 28.78 6.49
N GLY A 629 -10.06 28.00 5.57
CA GLY A 629 -10.10 26.56 5.70
C GLY A 629 -10.09 25.96 4.31
N HIS A 630 -9.49 24.79 4.16
CA HIS A 630 -9.47 24.10 2.87
C HIS A 630 -9.58 22.58 3.08
N GLY A 631 -10.05 21.86 2.07
CA GLY A 631 -10.21 20.42 2.21
C GLY A 631 -11.21 19.81 1.24
N TRP A 632 -11.30 18.48 1.23
CA TRP A 632 -12.14 17.76 0.27
C TRP A 632 -13.64 17.95 0.46
N ALA A 633 -14.41 17.48 -0.52
CA ALA A 633 -15.85 17.26 -0.35
C ALA A 633 -16.01 15.85 0.18
N ALA A 634 -17.15 15.59 0.82
CA ALA A 634 -17.42 14.25 1.33
C ALA A 634 -18.92 13.93 1.46
N ILE A 635 -19.20 12.64 1.61
CA ILE A 635 -20.53 12.17 1.93
C ILE A 635 -20.38 11.13 3.03
N GLY A 636 -21.45 10.85 3.77
CA GLY A 636 -21.40 9.80 4.78
C GLY A 636 -22.69 9.53 5.55
N THR A 637 -22.58 8.69 6.57
CA THR A 637 -23.72 8.28 7.37
C THR A 637 -23.43 8.45 8.86
N HIS A 638 -24.47 8.67 9.65
CA HIS A 638 -24.27 8.98 11.05
C HIS A 638 -23.54 7.86 11.80
N THR A 639 -24.01 6.62 11.66
CA THR A 639 -23.28 5.47 12.20
C THR A 639 -22.97 4.44 11.10
N PHE A 640 -22.65 3.22 11.50
CA PHE A 640 -22.49 2.13 10.54
C PHE A 640 -23.88 1.64 10.15
N GLU A 641 -24.44 2.26 9.11
CA GLU A 641 -25.84 2.05 8.74
C GLU A 641 -26.02 2.17 7.22
N PHE A 642 -27.02 1.48 6.68
CA PHE A 642 -27.31 1.55 5.25
C PHE A 642 -27.84 2.93 4.85
N ALA A 643 -27.41 3.41 3.69
CA ALA A 643 -27.82 4.71 3.17
C ALA A 643 -27.42 4.73 1.72
N GLN A 644 -28.14 5.50 0.91
CA GLN A 644 -27.80 5.64 -0.50
C GLN A 644 -27.59 7.08 -0.92
N PHE A 645 -26.85 7.25 -2.01
CA PHE A 645 -26.51 8.57 -2.51
C PHE A 645 -26.66 8.48 -4.03
N ASP A 646 -27.03 9.58 -4.67
CA ASP A 646 -27.27 9.57 -6.10
C ASP A 646 -27.01 10.96 -6.63
N ASN A 647 -26.67 11.07 -7.92
CA ASN A 647 -26.49 12.36 -8.59
C ASN A 647 -25.58 13.33 -7.83
N PHE A 648 -24.36 12.89 -7.55
CA PHE A 648 -23.38 13.71 -6.84
C PHE A 648 -22.82 14.76 -7.76
N ARG A 649 -22.68 15.98 -7.24
CA ARG A 649 -22.06 17.06 -8.00
C ARG A 649 -21.24 17.96 -7.08
N VAL A 650 -20.14 18.47 -7.62
CA VAL A 650 -19.31 19.42 -6.87
C VAL A 650 -18.78 20.50 -7.80
N GLU A 651 -18.87 21.74 -7.31
CA GLU A 651 -18.39 22.89 -8.04
C GLU A 651 -17.49 23.62 -7.06
N ALA A 652 -16.22 23.76 -7.40
CA ALA A 652 -15.28 24.30 -6.39
C ALA A 652 -14.18 25.19 -6.97
N ALA A 653 -13.68 26.08 -6.11
CA ALA A 653 -12.57 26.93 -6.48
C ALA A 653 -11.36 26.62 -5.58
N ARG A 654 -10.22 26.40 -6.21
CA ARG A 654 -9.02 26.00 -5.49
C ARG A 654 -8.28 27.20 -4.88
C1 NAG B . 24.13 -13.27 9.64
C2 NAG B . 24.83 -14.63 9.70
C3 NAG B . 26.31 -14.61 10.07
C4 NAG B . 27.02 -13.25 10.04
C5 NAG B . 26.06 -12.06 9.96
C6 NAG B . 26.76 -10.78 9.51
C7 NAG B . 23.58 -16.64 10.33
C8 NAG B . 23.56 -17.00 8.87
N2 NAG B . 24.13 -15.47 10.67
O3 NAG B . 26.96 -15.51 9.18
O4 NAG B . 27.71 -13.09 11.26
O5 NAG B . 25.02 -12.35 9.07
O6 NAG B . 25.86 -9.70 9.59
O7 NAG B . 23.09 -17.40 11.16
C1 NAG B . 29.17 -13.07 11.18
C2 NAG B . 29.79 -14.27 10.45
C3 NAG B . 31.21 -14.07 9.93
C4 NAG B . 31.61 -12.61 9.65
C5 NAG B . 31.01 -11.70 10.71
C6 NAG B . 31.40 -10.22 10.51
C7 NAG B . 29.31 -16.61 11.07
C8 NAG B . 28.22 -17.15 11.96
N2 NAG B . 29.78 -15.40 11.38
O3 NAG B . 31.39 -14.82 8.76
O4 NAG B . 33.00 -12.49 9.64
O5 NAG B . 29.61 -11.83 10.66
O6 NAG B . 30.71 -9.69 9.40
O7 NAG B . 29.72 -17.28 10.12
C1 NAG C . 23.27 -16.80 -16.90
C2 NAG C . 23.54 -18.24 -17.36
C3 NAG C . 22.62 -18.66 -18.50
C4 NAG C . 21.17 -18.24 -18.28
C5 NAG C . 21.04 -16.83 -17.72
C6 NAG C . 19.60 -16.56 -17.29
C7 NAG C . 25.52 -17.48 -18.59
C8 NAG C . 26.72 -16.77 -18.04
N2 NAG C . 24.93 -18.37 -17.79
O3 NAG C . 22.71 -20.07 -18.65
O4 NAG C . 20.46 -18.30 -19.50
O5 NAG C . 21.90 -16.60 -16.61
O6 NAG C . 19.05 -17.75 -16.78
O7 NAG C . 25.13 -17.25 -19.74
C1 NAG C . 19.68 -19.50 -19.60
C2 NAG C . 18.95 -19.50 -20.95
C3 NAG C . 18.09 -20.76 -21.10
C4 NAG C . 18.99 -21.97 -20.92
C5 NAG C . 19.69 -21.90 -19.56
C6 NAG C . 20.64 -23.08 -19.34
C7 NAG C . 18.70 -17.32 -21.90
C8 NAG C . 18.32 -15.89 -21.58
N2 NAG C . 18.21 -18.26 -21.12
O3 NAG C . 17.44 -20.79 -22.35
O4 NAG C . 18.25 -23.17 -21.04
O5 NAG C . 20.42 -20.69 -19.42
O6 NAG C . 21.77 -22.64 -18.62
O7 NAG C . 19.44 -17.56 -22.84
C1 NAG D . -13.17 32.14 -1.52
C2 NAG D . -12.11 32.70 -2.47
C3 NAG D . -11.52 33.97 -1.89
C4 NAG D . -12.59 34.96 -1.41
C5 NAG D . -13.65 34.26 -0.55
C6 NAG D . -14.86 35.16 -0.27
C7 NAG D . -10.85 31.14 -3.87
C8 NAG D . -9.45 30.77 -4.28
N2 NAG D . -11.03 31.74 -2.70
O3 NAG D . -10.74 34.60 -2.88
O4 NAG D . -11.90 35.94 -0.68
O5 NAG D . -14.13 33.11 -1.19
O6 NAG D . -15.51 35.46 -1.48
O7 NAG D . -11.78 30.87 -4.63
C1 NAG D . -12.23 37.27 -1.14
C2 NAG D . -12.05 38.18 0.08
C3 NAG D . -12.26 39.64 -0.26
C4 NAG D . -11.39 40.00 -1.47
C5 NAG D . -11.71 39.06 -2.64
C6 NAG D . -10.86 39.42 -3.86
C7 NAG D . -12.39 37.42 2.35
C8 NAG D . -13.37 37.31 3.49
N2 NAG D . -12.91 37.74 1.16
O3 NAG D . -11.91 40.42 0.86
O4 NAG D . -11.56 41.36 -1.85
O5 NAG D . -11.50 37.71 -2.27
O6 NAG D . -10.82 38.33 -4.76
O7 NAG D . -11.19 37.24 2.54
C1 147 E . 2.86 0.40 9.17
C2 147 E . 1.53 -0.02 8.61
O2 147 E . 1.60 -1.45 8.54
C3 147 E . 1.27 0.54 7.30
O3 147 E . -0.13 0.40 6.94
C4 147 E . 1.58 1.97 7.19
O4 147 E . 0.61 2.57 7.98
C5 147 E . 2.96 2.28 7.74
C6 147 E . 3.31 3.75 7.68
O6 147 E . 4.66 4.04 7.86
O5 147 E . 3.09 1.84 9.08
O1 147 E . 3.05 -0.15 10.43
C1' 147 E . 3.37 0.77 11.45
C2' 147 E . 2.38 1.62 12.00
C3' 147 E . 2.71 2.53 13.05
C4' 147 E . 4.02 2.55 13.54
C5' 147 E . 5.00 1.71 13.02
C6' 147 E . 4.67 0.79 11.96
N1' 147 E . 4.37 3.47 14.62
O2' 147 E . 3.47 4.28 15.10
O3' 147 E . 5.53 3.45 15.05
C1 NAG F . 34.34 12.25 7.36
C2 NAG F . 34.60 13.68 7.88
C3 NAG F . 35.68 14.42 7.09
C4 NAG F . 36.90 13.54 6.80
C5 NAG F . 36.46 12.18 6.26
C6 NAG F . 37.66 11.27 6.01
C7 NAG F . 32.65 14.66 8.99
C8 NAG F . 31.96 15.99 9.10
N2 NAG F . 33.36 14.46 7.88
O3 NAG F . 36.07 15.56 7.81
O4 NAG F . 37.73 14.15 5.83
O5 NAG F . 35.57 11.58 7.19
O6 NAG F . 38.04 10.60 7.19
O7 NAG F . 32.53 13.82 9.88
CA CA G . -28.09 7.16 -10.51
#